data_5B4M
#
_entry.id   5B4M
#
_cell.length_a   51.592
_cell.length_b   90.940
_cell.length_c   81.442
_cell.angle_alpha   90.00
_cell.angle_beta   92.21
_cell.angle_gamma   90.00
#
_symmetry.space_group_name_H-M   'P 1 21 1'
#
loop_
_entity.id
_entity.type
_entity.pdbx_description
1 polymer 'Fab heavy chain'
2 polymer 'Fab light chain'
#
loop_
_entity_poly.entity_id
_entity_poly.type
_entity_poly.pdbx_seq_one_letter_code
_entity_poly.pdbx_strand_id
1 'polypeptide(L)'
;DVKLVESGGGLVNLGGSLKLSCAASGFTFSRYYMSWVRQTPEKRLELVAAINHNSGRTYYSDTVKGRFTISRDNAKNTLY
LQMSSLKSEDTALYYCTRHPLIYHGNYLDYWGQGTTLTVSSAKTTPPSVYPLAPGSAAQTNSMVTLGCLVKGYFPEPVTV
TWNSGSLSSGVHTFPAVLQSDLYTLSSSVTVPSSTWPSETVTCNVAHPASSTKVDKKIVPR
;
H,C
2 'polypeptide(L)'
;DIVLTQSPASLAVSLGQRATISCKASQSVDYDGDSYVTWYQQKPGQPPKLLIYVASNLESGIPARFSGSGSGTDFTLNIH
PVEEEDAATYYCQQSNEDPWTFGGGTKLEIKRADAAPTVSIFPPSSEQLTSGGASVVCFLNNFYPKDINVKWKIDGSERQ
NGVLNSWTDQDSKDSTYSMSSTLTLTKDEYERHNSYTCEATHKTSTSPIVKSFNRNEC
;
L,D
#
# COMPACT_ATOMS: atom_id res chain seq x y z
N ASP A 1 -15.15 13.30 -7.15
CA ASP A 1 -14.04 12.67 -7.89
C ASP A 1 -14.53 11.57 -8.82
N VAL A 2 -13.99 11.55 -10.03
CA VAL A 2 -14.36 10.56 -11.00
C VAL A 2 -13.88 9.18 -10.54
N LYS A 3 -14.76 8.18 -10.60
CA LYS A 3 -14.38 6.80 -10.27
C LYS A 3 -15.08 5.79 -11.16
N LEU A 4 -14.27 4.85 -11.62
CA LEU A 4 -14.66 3.84 -12.55
C LEU A 4 -14.24 2.52 -11.95
N VAL A 5 -15.19 1.60 -11.81
CA VAL A 5 -14.89 0.30 -11.20
C VAL A 5 -15.48 -0.77 -12.07
N GLU A 6 -14.63 -1.63 -12.62
CA GLU A 6 -15.10 -2.61 -13.58
C GLU A 6 -15.23 -4.05 -12.99
N SER A 7 -16.04 -4.88 -13.62
CA SER A 7 -16.33 -6.24 -13.08
C SER A 7 -16.84 -7.25 -14.11
N GLY A 8 -16.98 -8.49 -13.65
CA GLY A 8 -17.53 -9.59 -14.44
C GLY A 8 -16.47 -10.43 -15.13
N GLY A 9 -15.20 -10.21 -14.84
CA GLY A 9 -14.12 -10.94 -15.52
C GLY A 9 -13.86 -12.28 -14.89
N GLY A 10 -13.23 -13.18 -15.62
CA GLY A 10 -12.76 -14.45 -15.05
C GLY A 10 -12.42 -15.44 -16.15
N LEU A 11 -12.33 -16.74 -15.83
CA LEU A 11 -11.92 -17.71 -16.84
C LEU A 11 -13.08 -18.05 -17.74
N VAL A 12 -12.79 -18.32 -19.01
CA VAL A 12 -13.81 -18.67 -20.01
C VAL A 12 -13.09 -19.49 -21.08
N ASN A 13 -13.81 -20.43 -21.68
CA ASN A 13 -13.26 -21.27 -22.73
C ASN A 13 -13.15 -20.60 -24.06
N LEU A 14 -12.42 -21.27 -24.95
CA LEU A 14 -12.26 -20.82 -26.31
C LEU A 14 -13.62 -20.88 -26.99
N GLY A 15 -13.91 -19.93 -27.87
CA GLY A 15 -15.24 -19.81 -28.47
C GLY A 15 -16.27 -19.24 -27.49
N GLY A 16 -15.86 -19.01 -26.24
CA GLY A 16 -16.79 -18.67 -25.18
C GLY A 16 -17.30 -17.25 -25.23
N SER A 17 -18.02 -16.84 -24.20
CA SER A 17 -18.60 -15.52 -24.13
C SER A 17 -18.72 -15.05 -22.71
N LEU A 18 -18.59 -13.74 -22.52
CA LEU A 18 -18.63 -13.13 -21.20
C LEU A 18 -18.84 -11.63 -21.35
N LYS A 19 -19.68 -11.07 -20.48
CA LYS A 19 -20.01 -9.64 -20.49
C LYS A 19 -19.33 -8.88 -19.34
N LEU A 20 -18.58 -7.81 -19.66
CA LEU A 20 -17.96 -6.97 -18.63
C LEU A 20 -18.77 -5.73 -18.33
N SER A 21 -18.58 -5.21 -17.14
CA SER A 21 -19.36 -4.10 -16.61
C SER A 21 -18.39 -3.09 -16.01
N CYS A 22 -18.77 -1.82 -16.08
CA CYS A 22 -17.95 -0.76 -15.52
C CYS A 22 -18.95 0.16 -14.85
N ALA A 23 -18.76 0.43 -13.56
CA ALA A 23 -19.66 1.30 -12.82
C ALA A 23 -18.99 2.64 -12.54
N ALA A 24 -19.73 3.71 -12.82
CA ALA A 24 -19.22 5.09 -12.83
C ALA A 24 -19.85 5.97 -11.77
N SER A 25 -19.06 6.87 -11.20
CA SER A 25 -19.59 7.82 -10.23
C SER A 25 -18.72 9.07 -10.10
N GLY A 26 -19.33 10.16 -9.69
CA GLY A 26 -18.61 11.40 -9.41
C GLY A 26 -18.60 12.41 -10.55
N PHE A 27 -19.36 12.09 -11.61
CA PHE A 27 -19.41 12.94 -12.77
C PHE A 27 -20.66 12.65 -13.58
N THR A 28 -21.08 13.62 -14.38
CA THR A 28 -22.28 13.49 -15.19
C THR A 28 -22.04 12.57 -16.37
N PHE A 29 -22.20 11.28 -16.12
CA PHE A 29 -21.89 10.18 -17.05
C PHE A 29 -22.43 10.33 -18.47
N SER A 30 -23.60 10.92 -18.58
CA SER A 30 -24.28 11.09 -19.87
C SER A 30 -23.58 12.06 -20.84
N ARG A 31 -22.64 12.84 -20.33
CA ARG A 31 -21.93 13.77 -21.16
C ARG A 31 -20.69 13.19 -21.81
N TYR A 32 -20.23 12.01 -21.37
CA TYR A 32 -18.87 11.55 -21.69
C TYR A 32 -18.77 10.41 -22.68
N TYR A 33 -17.71 10.50 -23.48
CA TYR A 33 -17.27 9.39 -24.30
C TYR A 33 -16.64 8.34 -23.35
N MET A 34 -16.75 7.07 -23.74
CA MET A 34 -16.30 5.95 -22.89
C MET A 34 -15.68 4.83 -23.72
N SER A 35 -14.64 4.20 -23.21
CA SER A 35 -13.92 3.18 -23.96
C SER A 35 -13.40 2.05 -23.12
N TRP A 36 -13.16 0.93 -23.79
CA TRP A 36 -12.48 -0.18 -23.15
C TRP A 36 -11.08 -0.27 -23.73
N VAL A 37 -10.10 -0.39 -22.86
CA VAL A 37 -8.72 -0.59 -23.25
C VAL A 37 -8.15 -1.79 -22.52
N ARG A 38 -7.42 -2.64 -23.24
CA ARG A 38 -6.94 -3.86 -22.62
C ARG A 38 -5.41 -3.96 -22.63
N GLN A 39 -4.88 -4.49 -21.54
CA GLN A 39 -3.46 -4.67 -21.34
C GLN A 39 -3.13 -6.16 -21.31
N THR A 40 -2.34 -6.58 -22.27
CA THR A 40 -1.90 -7.94 -22.39
C THR A 40 -0.90 -8.33 -21.30
N PRO A 41 -0.75 -9.66 -21.03
CA PRO A 41 0.26 -10.18 -20.09
C PRO A 41 1.65 -9.59 -20.25
N GLU A 42 1.98 -9.22 -21.49
CA GLU A 42 3.26 -8.60 -21.85
C GLU A 42 3.22 -7.06 -21.84
N LYS A 43 2.15 -6.51 -21.25
CA LYS A 43 2.02 -5.08 -20.94
C LYS A 43 1.68 -4.11 -22.08
N ARG A 44 1.39 -4.64 -23.27
CA ARG A 44 0.92 -3.78 -24.38
C ARG A 44 -0.53 -3.44 -24.24
N LEU A 45 -0.85 -2.18 -24.55
CA LEU A 45 -2.18 -1.63 -24.40
C LEU A 45 -2.82 -1.50 -25.76
N GLU A 46 -4.13 -1.66 -25.80
CA GLU A 46 -4.85 -1.62 -27.05
C GLU A 46 -6.29 -1.27 -26.76
N LEU A 47 -6.80 -0.30 -27.51
CA LEU A 47 -8.19 0.11 -27.41
C LEU A 47 -9.05 -0.88 -28.18
N VAL A 48 -9.89 -1.61 -27.45
CA VAL A 48 -10.75 -2.61 -28.09
C VAL A 48 -12.02 -1.98 -28.65
N ALA A 49 -12.54 -0.95 -27.99
CA ALA A 49 -13.82 -0.41 -28.36
C ALA A 49 -14.17 0.85 -27.60
N ALA A 50 -15.03 1.67 -28.21
CA ALA A 50 -15.44 2.94 -27.66
C ALA A 50 -16.86 3.28 -28.06
N ILE A 51 -17.45 4.20 -27.29
CA ILE A 51 -18.81 4.66 -27.53
C ILE A 51 -18.98 6.10 -27.07
N ASN A 52 -19.85 6.82 -27.77
CA ASN A 52 -20.08 8.22 -27.45
C ASN A 52 -21.19 8.37 -26.41
N HIS A 53 -21.43 9.61 -26.02
CA HIS A 53 -22.37 9.95 -24.95
C HIS A 53 -23.80 9.49 -25.17
N ASN A 54 -24.20 9.38 -26.43
CA ASN A 54 -25.58 9.07 -26.77
C ASN A 54 -25.75 7.74 -27.49
N SER A 55 -24.73 6.89 -27.45
CA SER A 55 -24.71 5.60 -28.15
C SER A 55 -24.90 5.70 -29.68
N GLY A 56 -24.73 6.92 -30.21
CA GLY A 56 -24.88 7.17 -31.63
C GLY A 56 -23.69 6.68 -32.43
N ARG A 57 -22.54 6.50 -31.79
CA ARG A 57 -21.33 6.16 -32.52
C ARG A 57 -20.55 5.17 -31.66
N THR A 58 -20.10 4.08 -32.29
CA THR A 58 -19.25 3.07 -31.63
C THR A 58 -18.07 2.74 -32.50
N TYR A 59 -16.95 2.44 -31.86
CA TYR A 59 -15.77 2.01 -32.59
C TYR A 59 -15.28 0.68 -32.04
N TYR A 60 -14.74 -0.15 -32.91
CA TYR A 60 -14.14 -1.41 -32.54
C TYR A 60 -12.79 -1.59 -33.21
N SER A 61 -11.79 -2.12 -32.50
CA SER A 61 -10.55 -2.52 -33.20
C SER A 61 -10.92 -3.68 -34.13
N ASP A 62 -10.12 -3.85 -35.17
CA ASP A 62 -10.39 -4.86 -36.20
C ASP A 62 -10.33 -6.29 -35.65
N THR A 63 -9.48 -6.51 -34.65
CA THR A 63 -9.36 -7.80 -34.02
C THR A 63 -10.58 -8.18 -33.21
N VAL A 64 -11.37 -7.20 -32.78
CA VAL A 64 -12.60 -7.51 -32.05
C VAL A 64 -13.89 -7.21 -32.80
N LYS A 65 -13.80 -6.55 -33.96
CA LYS A 65 -14.99 -6.21 -34.75
C LYS A 65 -15.82 -7.44 -35.13
N GLY A 66 -17.08 -7.46 -34.70
CA GLY A 66 -18.00 -8.55 -35.02
C GLY A 66 -18.15 -9.62 -33.93
N ARG A 67 -17.29 -9.56 -32.91
CA ARG A 67 -17.29 -10.46 -31.76
C ARG A 67 -17.66 -9.74 -30.47
N PHE A 68 -17.39 -8.44 -30.38
CA PHE A 68 -17.59 -7.67 -29.14
C PHE A 68 -18.71 -6.67 -29.38
N THR A 69 -19.34 -6.19 -28.33
CA THR A 69 -20.36 -5.16 -28.45
C THR A 69 -20.25 -4.24 -27.23
N ILE A 70 -20.13 -2.93 -27.46
CA ILE A 70 -20.09 -1.98 -26.37
C ILE A 70 -21.47 -1.35 -26.19
N SER A 71 -21.88 -1.12 -24.94
CA SER A 71 -23.14 -0.46 -24.62
C SER A 71 -23.06 0.34 -23.36
N ARG A 72 -24.07 1.16 -23.13
CA ARG A 72 -24.08 2.00 -21.96
C ARG A 72 -25.51 2.26 -21.54
N ASP A 73 -25.70 2.47 -20.25
CA ASP A 73 -26.96 2.96 -19.75
C ASP A 73 -26.72 4.22 -18.94
N ASN A 74 -27.13 5.36 -19.48
CA ASN A 74 -26.84 6.65 -18.86
C ASN A 74 -27.59 6.85 -17.55
N ALA A 75 -28.69 6.13 -17.36
CA ALA A 75 -29.48 6.24 -16.14
C ALA A 75 -28.82 5.46 -15.01
N LYS A 76 -28.22 4.31 -15.32
CA LYS A 76 -27.55 3.45 -14.33
C LYS A 76 -26.08 3.79 -14.15
N ASN A 77 -25.56 4.71 -14.98
CA ASN A 77 -24.14 5.06 -15.01
C ASN A 77 -23.26 3.82 -15.16
N THR A 78 -23.59 2.99 -16.15
CA THR A 78 -22.85 1.78 -16.39
C THR A 78 -22.50 1.64 -17.84
N LEU A 79 -21.30 1.12 -18.08
CA LEU A 79 -20.81 0.73 -19.39
C LEU A 79 -20.60 -0.78 -19.42
N TYR A 80 -20.74 -1.38 -20.61
CA TYR A 80 -20.66 -2.83 -20.79
C TYR A 80 -19.83 -3.22 -21.98
N LEU A 81 -19.19 -4.38 -21.89
CA LEU A 81 -18.55 -5.03 -23.03
C LEU A 81 -19.03 -6.47 -23.15
N GLN A 82 -19.88 -6.73 -24.14
CA GLN A 82 -20.36 -8.07 -24.48
C GLN A 82 -19.37 -8.75 -25.44
N MET A 83 -18.69 -9.79 -24.95
CA MET A 83 -17.68 -10.52 -25.73
C MET A 83 -18.16 -11.93 -26.09
N SER A 84 -17.66 -12.44 -27.21
CA SER A 84 -18.10 -13.71 -27.77
C SER A 84 -17.05 -14.24 -28.74
N SER A 85 -17.13 -15.51 -29.13
CA SER A 85 -16.09 -16.13 -29.95
C SER A 85 -14.71 -15.76 -29.37
N LEU A 86 -14.59 -15.81 -28.05
CA LEU A 86 -13.35 -15.46 -27.39
C LEU A 86 -12.18 -16.29 -27.90
N LYS A 87 -11.06 -15.60 -28.15
CA LYS A 87 -9.81 -16.23 -28.55
C LYS A 87 -8.80 -16.06 -27.41
N SER A 88 -7.73 -16.84 -27.44
CA SER A 88 -6.72 -16.77 -26.40
C SER A 88 -6.13 -15.37 -26.33
N GLU A 89 -5.91 -14.78 -27.50
CA GLU A 89 -5.43 -13.41 -27.64
C GLU A 89 -6.26 -12.37 -26.90
N ASP A 90 -7.52 -12.69 -26.62
CA ASP A 90 -8.35 -11.78 -25.86
C ASP A 90 -7.98 -11.73 -24.38
N THR A 91 -7.18 -12.71 -23.95
CA THR A 91 -6.75 -12.76 -22.57
C THR A 91 -6.05 -11.45 -22.16
N ALA A 92 -6.67 -10.67 -21.30
CA ALA A 92 -6.04 -9.45 -20.81
C ALA A 92 -6.70 -8.93 -19.55
N LEU A 93 -6.13 -7.85 -18.99
CA LEU A 93 -6.81 -7.02 -18.02
C LEU A 93 -7.49 -5.89 -18.79
N TYR A 94 -8.80 -5.74 -18.57
CA TYR A 94 -9.62 -4.80 -19.31
C TYR A 94 -9.97 -3.65 -18.40
N TYR A 95 -9.55 -2.43 -18.78
CA TYR A 95 -9.91 -1.19 -18.10
C TYR A 95 -11.04 -0.51 -18.84
N CYS A 96 -11.96 0.12 -18.12
CA CYS A 96 -12.84 1.05 -18.81
C CYS A 96 -12.27 2.47 -18.60
N THR A 97 -12.47 3.30 -19.60
CA THR A 97 -11.82 4.60 -19.64
C THR A 97 -12.78 5.74 -20.02
N ARG A 98 -12.65 6.86 -19.31
CA ARG A 98 -13.40 8.07 -19.60
C ARG A 98 -12.59 9.02 -20.52
N HIS A 99 -13.29 9.66 -21.43
CA HIS A 99 -12.70 10.73 -22.24
C HIS A 99 -13.10 12.07 -21.67
N PRO A 100 -12.21 13.07 -21.76
CA PRO A 100 -12.58 14.39 -21.35
C PRO A 100 -13.55 14.96 -22.35
N LEU A 101 -14.25 16.01 -21.98
CA LEU A 101 -15.10 16.71 -22.91
C LEU A 101 -14.30 17.45 -23.98
N ILE A 102 -14.90 17.60 -25.15
CA ILE A 102 -14.58 18.68 -26.11
C ILE A 102 -13.09 18.89 -26.32
N TYR A 103 -12.34 17.84 -26.64
CA TYR A 103 -10.85 17.94 -26.73
C TYR A 103 -10.17 18.71 -25.61
N HIS A 104 -10.98 19.24 -24.71
CA HIS A 104 -10.52 19.68 -23.40
C HIS A 104 -9.85 18.41 -22.82
N GLY A 105 -9.19 18.49 -21.65
CA GLY A 105 -8.25 17.43 -21.13
C GLY A 105 -7.63 16.37 -22.04
N ASN A 106 -7.18 15.24 -21.49
CA ASN A 106 -6.62 14.22 -22.38
C ASN A 106 -7.54 13.22 -22.87
N TYR A 107 -7.32 12.85 -24.13
CA TYR A 107 -8.12 11.85 -24.79
C TYR A 107 -8.45 10.54 -23.98
N LEU A 108 -7.71 10.20 -22.93
CA LEU A 108 -8.28 9.38 -21.86
C LEU A 108 -7.90 9.92 -20.48
N ASP A 109 -8.90 10.58 -19.90
CA ASP A 109 -8.86 11.35 -18.69
C ASP A 109 -8.69 10.49 -17.41
N TYR A 110 -9.38 9.34 -17.37
CA TYR A 110 -9.49 8.50 -16.18
C TYR A 110 -9.70 7.01 -16.50
N TRP A 111 -9.02 6.15 -15.73
CA TRP A 111 -9.05 4.71 -15.89
C TRP A 111 -9.56 4.02 -14.64
N GLY A 112 -10.20 2.86 -14.82
CA GLY A 112 -10.62 2.03 -13.66
C GLY A 112 -9.48 1.16 -13.11
N GLN A 113 -9.82 0.14 -12.31
CA GLN A 113 -8.80 -0.74 -11.71
C GLN A 113 -8.47 -1.93 -12.60
N GLY A 114 -9.31 -2.13 -13.60
CA GLY A 114 -9.23 -3.28 -14.49
C GLY A 114 -9.97 -4.48 -13.92
N THR A 115 -10.51 -5.31 -14.80
CA THR A 115 -11.01 -6.63 -14.46
C THR A 115 -10.39 -7.60 -15.48
N THR A 116 -10.01 -8.79 -14.98
CA THR A 116 -9.17 -9.72 -15.71
C THR A 116 -9.92 -10.72 -16.53
N LEU A 117 -9.46 -10.91 -17.76
CA LEU A 117 -10.03 -11.90 -18.64
C LEU A 117 -9.00 -12.95 -19.02
N THR A 118 -9.36 -14.22 -18.81
CA THR A 118 -8.51 -15.37 -19.16
C THR A 118 -9.28 -16.28 -20.10
N VAL A 119 -8.86 -16.34 -21.35
CA VAL A 119 -9.45 -17.26 -22.31
C VAL A 119 -8.49 -18.41 -22.48
N SER A 120 -8.95 -19.60 -22.13
CA SER A 120 -8.08 -20.75 -22.06
C SER A 120 -8.87 -22.06 -21.88
N SER A 121 -8.32 -23.13 -22.44
CA SER A 121 -8.91 -24.43 -22.34
C SER A 121 -8.58 -25.01 -20.96
N ALA A 122 -7.41 -24.64 -20.41
CA ALA A 122 -6.98 -25.08 -19.09
C ALA A 122 -8.05 -24.76 -18.05
N LYS A 123 -7.98 -25.44 -16.92
CA LYS A 123 -9.05 -25.38 -15.93
C LYS A 123 -8.67 -24.63 -14.69
N THR A 124 -9.69 -24.07 -14.04
CA THR A 124 -9.52 -23.40 -12.76
C THR A 124 -9.02 -24.39 -11.73
N THR A 125 -7.91 -24.06 -11.08
CA THR A 125 -7.26 -24.98 -10.16
C THR A 125 -6.76 -24.20 -8.97
N PRO A 126 -7.08 -24.62 -7.74
CA PRO A 126 -6.51 -23.92 -6.60
C PRO A 126 -5.04 -24.25 -6.37
N PRO A 127 -4.35 -23.43 -5.59
CA PRO A 127 -2.94 -23.69 -5.35
C PRO A 127 -2.68 -24.62 -4.17
N SER A 128 -1.48 -25.22 -4.15
CA SER A 128 -0.93 -25.83 -2.96
C SER A 128 -0.05 -24.78 -2.33
N VAL A 129 -0.20 -24.62 -1.03
CA VAL A 129 0.56 -23.64 -0.27
C VAL A 129 1.45 -24.39 0.70
N TYR A 130 2.71 -24.53 0.30
CA TYR A 130 3.76 -25.13 1.12
C TYR A 130 4.50 -24.07 1.95
N PRO A 131 4.89 -24.40 3.19
CA PRO A 131 5.66 -23.46 3.99
C PRO A 131 7.16 -23.55 3.71
N LEU A 132 7.81 -22.40 3.60
CA LEU A 132 9.25 -22.34 3.43
C LEU A 132 9.90 -21.84 4.72
N ALA A 133 10.58 -22.74 5.41
CA ALA A 133 11.22 -22.47 6.70
C ALA A 133 12.66 -22.87 6.56
N PRO A 134 13.58 -22.27 7.33
CA PRO A 134 14.97 -22.68 7.13
C PRO A 134 15.26 -24.00 7.84
N GLY A 135 16.28 -24.72 7.36
CA GLY A 135 16.76 -25.92 8.03
C GLY A 135 17.15 -25.60 9.45
N SER A 136 17.24 -26.63 10.29
CA SER A 136 17.54 -26.44 11.71
C SER A 136 18.89 -25.73 11.95
N ALA A 137 19.84 -25.92 11.03
CA ALA A 137 21.13 -25.19 11.07
C ALA A 137 21.05 -23.80 10.35
N ALA A 138 19.98 -23.05 10.66
CA ALA A 138 19.57 -21.83 9.94
C ALA A 138 20.50 -20.65 10.11
N GLN A 139 20.19 -19.59 9.34
CA GLN A 139 20.93 -18.31 9.33
C GLN A 139 20.65 -17.37 10.54
N THR A 140 21.36 -17.61 11.65
CA THR A 140 21.12 -16.87 12.89
C THR A 140 21.75 -15.46 12.92
N ASN A 141 21.18 -14.52 12.16
CA ASN A 141 21.55 -13.08 12.24
C ASN A 141 20.40 -12.34 12.89
N SER A 142 20.48 -11.00 12.95
CA SER A 142 19.42 -10.22 13.59
C SER A 142 18.05 -10.47 12.95
N MET A 143 18.01 -10.75 11.66
CA MET A 143 16.78 -10.99 10.94
C MET A 143 16.75 -12.41 10.36
N VAL A 144 15.55 -12.95 10.20
CA VAL A 144 15.39 -14.22 9.51
C VAL A 144 14.37 -14.07 8.43
N THR A 145 14.56 -14.79 7.35
CA THR A 145 13.59 -14.82 6.26
C THR A 145 12.78 -16.11 6.29
N LEU A 146 11.48 -16.00 6.02
CA LEU A 146 10.58 -17.15 5.85
C LEU A 146 9.75 -16.95 4.59
N GLY A 147 9.06 -18.01 4.16
CA GLY A 147 8.23 -17.90 2.97
C GLY A 147 7.15 -18.97 2.80
N CYS A 148 6.34 -18.77 1.76
CA CYS A 148 5.37 -19.75 1.32
C CYS A 148 5.50 -19.91 -0.17
N LEU A 149 5.33 -21.15 -0.61
CA LEU A 149 5.37 -21.48 -2.02
C LEU A 149 3.96 -21.76 -2.49
N VAL A 150 3.44 -20.92 -3.38
CA VAL A 150 2.07 -21.05 -3.86
C VAL A 150 2.09 -21.58 -5.28
N LYS A 151 1.79 -22.86 -5.39
CA LYS A 151 2.12 -23.63 -6.58
C LYS A 151 0.92 -24.30 -7.21
N GLY A 152 0.86 -24.24 -8.54
CA GLY A 152 -0.08 -25.04 -9.29
C GLY A 152 -1.48 -24.51 -9.43
N TYR A 153 -1.63 -23.19 -9.44
CA TYR A 153 -2.95 -22.56 -9.58
C TYR A 153 -3.20 -22.02 -10.98
N PHE A 154 -4.47 -21.77 -11.28
CA PHE A 154 -4.87 -21.20 -12.54
C PHE A 154 -6.34 -20.81 -12.45
N PRO A 155 -6.72 -19.63 -13.00
CA PRO A 155 -5.89 -18.58 -13.57
C PRO A 155 -5.37 -17.58 -12.50
N GLU A 156 -4.73 -16.48 -12.95
CA GLU A 156 -4.39 -15.35 -12.07
C GLU A 156 -5.67 -14.65 -11.62
N PRO A 157 -5.60 -13.89 -10.51
CA PRO A 157 -4.48 -13.68 -9.62
C PRO A 157 -4.56 -14.50 -8.32
N VAL A 158 -3.51 -14.35 -7.51
CA VAL A 158 -3.43 -14.78 -6.14
C VAL A 158 -3.25 -13.57 -5.29
N THR A 159 -3.64 -13.62 -4.03
CA THR A 159 -3.17 -12.62 -3.08
C THR A 159 -2.49 -13.26 -1.87
N VAL A 160 -1.36 -12.69 -1.48
CA VAL A 160 -0.59 -13.17 -0.35
C VAL A 160 -0.43 -12.09 0.69
N THR A 161 -0.78 -12.42 1.92
CA THR A 161 -0.68 -11.54 3.05
C THR A 161 0.14 -12.28 4.10
N TRP A 162 0.61 -11.55 5.10
CA TRP A 162 1.38 -12.17 6.17
C TRP A 162 0.90 -11.63 7.47
N ASN A 163 0.46 -12.54 8.34
CA ASN A 163 -0.26 -12.21 9.56
C ASN A 163 -1.32 -11.15 9.34
N SER A 164 -2.04 -11.35 8.23
CA SER A 164 -3.16 -10.52 7.87
C SER A 164 -2.81 -9.04 7.72
N GLY A 165 -1.60 -8.76 7.28
CA GLY A 165 -1.18 -7.37 7.00
C GLY A 165 -0.04 -6.87 7.85
N SER A 166 -0.10 -7.13 9.15
CA SER A 166 0.87 -6.63 10.15
C SER A 166 2.35 -6.67 9.75
N LEU A 167 2.70 -7.60 8.85
CA LEU A 167 4.08 -7.77 8.46
C LEU A 167 4.40 -7.22 7.06
N SER A 168 3.55 -6.30 6.57
CA SER A 168 3.66 -5.80 5.18
C SER A 168 5.04 -5.28 4.79
N SER A 169 5.74 -4.59 5.69
CA SER A 169 6.94 -3.85 5.30
C SER A 169 8.18 -4.71 4.97
N GLY A 170 8.11 -6.02 5.17
CA GLY A 170 9.23 -6.89 4.88
C GLY A 170 8.87 -8.03 3.96
N VAL A 171 7.79 -7.84 3.20
CA VAL A 171 7.26 -8.86 2.32
C VAL A 171 7.65 -8.61 0.87
N HIS A 172 8.16 -9.64 0.21
CA HIS A 172 8.26 -9.64 -1.26
C HIS A 172 7.43 -10.76 -1.83
N THR A 173 6.40 -10.42 -2.58
CA THR A 173 5.68 -11.42 -3.32
C THR A 173 6.01 -11.32 -4.80
N PHE A 174 6.64 -12.36 -5.33
CA PHE A 174 7.18 -12.40 -6.67
C PHE A 174 6.10 -12.71 -7.72
N PRO A 175 6.16 -12.06 -8.89
CA PRO A 175 5.14 -12.34 -9.92
C PRO A 175 5.11 -13.82 -10.35
N ALA A 176 3.96 -14.30 -10.80
CA ALA A 176 3.83 -15.74 -11.09
C ALA A 176 4.50 -16.06 -12.40
N VAL A 177 4.96 -17.30 -12.50
CA VAL A 177 5.51 -17.86 -13.71
C VAL A 177 4.66 -19.07 -14.14
N LEU A 178 4.52 -19.27 -15.45
CA LEU A 178 3.64 -20.29 -16.00
C LEU A 178 4.45 -21.51 -16.44
N GLN A 179 4.05 -22.69 -15.97
CA GLN A 179 4.68 -23.96 -16.30
C GLN A 179 3.81 -24.75 -17.32
N SER A 180 3.57 -26.04 -17.05
CA SER A 180 2.78 -26.90 -17.92
C SER A 180 1.52 -26.22 -18.41
N ASP A 181 0.81 -25.64 -17.46
CA ASP A 181 -0.32 -24.73 -17.71
C ASP A 181 -0.80 -24.24 -16.34
N LEU A 182 0.16 -24.02 -15.44
CA LEU A 182 -0.15 -23.71 -14.06
C LEU A 182 0.84 -22.67 -13.55
N TYR A 183 0.35 -21.76 -12.72
CA TYR A 183 1.17 -20.70 -12.20
C TYR A 183 1.78 -21.14 -10.88
N THR A 184 3.04 -20.78 -10.71
CA THR A 184 3.70 -20.84 -9.43
C THR A 184 4.30 -19.48 -9.14
N LEU A 185 4.18 -19.06 -7.90
CA LEU A 185 4.84 -17.87 -7.41
C LEU A 185 5.30 -18.18 -6.01
N SER A 186 6.06 -17.27 -5.44
CA SER A 186 6.50 -17.39 -4.06
C SER A 186 6.42 -16.04 -3.35
N SER A 187 6.67 -16.06 -2.04
CA SER A 187 6.58 -14.87 -1.24
C SER A 187 7.41 -15.00 0.03
N SER A 188 8.30 -14.03 0.27
CA SER A 188 9.16 -14.02 1.45
C SER A 188 8.80 -12.93 2.42
N VAL A 189 9.22 -13.10 3.66
CA VAL A 189 9.04 -12.09 4.69
C VAL A 189 10.22 -12.21 5.57
N THR A 190 10.60 -11.12 6.19
CA THR A 190 11.73 -11.08 7.10
C THR A 190 11.20 -10.57 8.38
N VAL A 191 11.72 -11.09 9.46
CA VAL A 191 11.21 -10.77 10.77
C VAL A 191 12.41 -10.90 11.68
N PRO A 192 12.45 -10.09 12.76
CA PRO A 192 13.59 -10.29 13.64
C PRO A 192 13.72 -11.77 14.09
N SER A 193 14.94 -12.29 14.04
CA SER A 193 15.23 -13.65 14.48
C SER A 193 14.63 -13.95 15.84
N SER A 194 14.75 -13.01 16.78
CA SER A 194 14.28 -13.22 18.15
C SER A 194 12.74 -13.34 18.26
N THR A 195 12.07 -13.37 17.11
CA THR A 195 10.62 -13.41 17.02
C THR A 195 10.11 -14.78 16.47
N TRP A 196 10.85 -15.39 15.56
CA TRP A 196 10.35 -16.53 14.80
C TRP A 196 10.10 -17.75 15.64
N PRO A 197 11.06 -18.13 16.49
CA PRO A 197 10.62 -19.25 17.30
C PRO A 197 9.22 -18.95 17.88
N SER A 198 9.19 -17.98 18.79
CA SER A 198 8.16 -17.79 19.80
C SER A 198 6.90 -17.14 19.31
N GLU A 199 6.86 -16.79 18.03
CA GLU A 199 5.77 -16.01 17.52
C GLU A 199 5.30 -16.60 16.23
N THR A 200 4.01 -16.50 16.02
CA THR A 200 3.40 -17.04 14.85
C THR A 200 3.71 -16.16 13.67
N VAL A 201 3.99 -16.80 12.53
CA VAL A 201 4.13 -16.14 11.26
C VAL A 201 3.34 -16.97 10.26
N THR A 202 2.41 -16.33 9.56
CA THR A 202 1.41 -17.05 8.82
C THR A 202 1.07 -16.40 7.50
N CYS A 203 1.28 -17.11 6.40
CA CYS A 203 0.93 -16.56 5.10
C CYS A 203 -0.51 -16.79 4.74
N ASN A 204 -1.22 -15.73 4.35
CA ASN A 204 -2.63 -15.82 4.00
C ASN A 204 -2.74 -15.77 2.51
N VAL A 205 -3.33 -16.81 1.94
CA VAL A 205 -3.28 -17.01 0.51
C VAL A 205 -4.70 -17.24 -0.03
N ALA A 206 -5.15 -16.35 -0.91
CA ALA A 206 -6.48 -16.43 -1.53
C ALA A 206 -6.37 -16.56 -3.03
N HIS A 207 -7.23 -17.38 -3.60
CA HIS A 207 -7.33 -17.52 -5.06
C HIS A 207 -8.81 -17.36 -5.39
N PRO A 208 -9.17 -16.21 -5.96
CA PRO A 208 -10.60 -15.87 -6.04
C PRO A 208 -11.38 -16.72 -7.06
N ALA A 209 -10.78 -17.01 -8.19
CA ALA A 209 -11.43 -17.83 -9.21
C ALA A 209 -11.93 -19.20 -8.69
N SER A 210 -11.26 -19.75 -7.67
CA SER A 210 -11.64 -21.01 -7.05
C SER A 210 -12.24 -20.79 -5.68
N SER A 211 -12.49 -19.53 -5.32
CA SER A 211 -12.84 -19.13 -3.96
C SER A 211 -12.00 -19.83 -2.88
N THR A 212 -10.73 -20.09 -3.18
CA THR A 212 -9.80 -20.67 -2.22
C THR A 212 -9.33 -19.62 -1.23
N LYS A 213 -9.06 -20.06 -0.01
CA LYS A 213 -8.36 -19.27 0.98
C LYS A 213 -7.78 -20.22 2.03
N VAL A 214 -6.46 -20.20 2.18
CA VAL A 214 -5.79 -21.01 3.20
C VAL A 214 -4.71 -20.18 3.84
N ASP A 215 -4.49 -20.47 5.12
CA ASP A 215 -3.49 -19.82 5.92
C ASP A 215 -2.58 -20.85 6.50
N LYS A 216 -1.30 -20.76 6.16
CA LYS A 216 -0.33 -21.75 6.57
C LYS A 216 0.65 -21.18 7.58
N LYS A 217 0.54 -21.63 8.83
CA LYS A 217 1.52 -21.27 9.84
C LYS A 217 2.83 -21.89 9.43
N ILE A 218 3.93 -21.16 9.59
CA ILE A 218 5.24 -21.69 9.24
C ILE A 218 5.80 -22.31 10.50
N VAL A 219 6.19 -23.57 10.39
CA VAL A 219 6.63 -24.33 11.55
C VAL A 219 8.09 -24.65 11.35
N PRO A 220 8.89 -24.50 12.40
CA PRO A 220 10.28 -24.90 12.23
C PRO A 220 10.43 -26.40 11.92
N ARG A 221 11.66 -26.79 11.62
CA ARG A 221 12.05 -28.19 11.43
C ARG A 221 12.87 -28.65 12.63
N ASP B 1 -2.75 1.98 -39.76
CA ASP B 1 -2.44 2.15 -38.31
C ASP B 1 -1.15 2.94 -38.17
N ILE B 2 -1.04 3.61 -37.04
CA ILE B 2 0.14 4.31 -36.68
C ILE B 2 0.86 3.53 -35.62
N VAL B 3 1.96 2.90 -36.02
CA VAL B 3 2.81 2.18 -35.08
C VAL B 3 3.51 3.22 -34.22
N LEU B 4 3.56 2.96 -32.92
CA LEU B 4 4.20 3.83 -31.95
C LEU B 4 5.24 3.00 -31.25
N THR B 5 6.50 3.28 -31.54
CA THR B 5 7.60 2.57 -30.93
C THR B 5 8.30 3.49 -29.92
N GLN B 6 8.48 2.96 -28.71
CA GLN B 6 9.07 3.69 -27.60
C GLN B 6 10.45 3.17 -27.29
N SER B 7 11.47 3.99 -27.48
CA SER B 7 12.84 3.64 -27.05
C SER B 7 13.26 4.48 -25.83
N PRO B 8 14.18 3.95 -25.01
CA PRO B 8 14.53 2.55 -24.95
C PRO B 8 13.38 1.90 -24.24
N ALA B 9 13.49 0.61 -23.90
CA ALA B 9 12.42 -0.08 -23.21
C ALA B 9 12.52 0.19 -21.74
N SER B 10 13.74 0.26 -21.23
CA SER B 10 13.97 0.62 -19.83
C SER B 10 15.03 1.70 -19.77
N LEU B 11 14.94 2.56 -18.77
CA LEU B 11 15.98 3.59 -18.58
C LEU B 11 16.23 3.70 -17.11
N ALA B 12 17.49 3.76 -16.73
CA ALA B 12 17.84 3.90 -15.33
C ALA B 12 18.43 5.29 -15.09
N VAL B 13 17.80 6.06 -14.23
CA VAL B 13 18.20 7.44 -13.97
C VAL B 13 18.27 7.68 -12.46
N SER B 14 19.29 8.38 -12.01
CA SER B 14 19.46 8.68 -10.58
C SER B 14 18.53 9.79 -10.12
N LEU B 15 18.25 9.78 -8.82
CA LEU B 15 17.41 10.79 -8.20
C LEU B 15 18.07 12.16 -8.37
N GLY B 16 17.36 13.11 -8.95
CA GLY B 16 17.93 14.46 -9.26
C GLY B 16 18.13 14.62 -10.76
N GLN B 17 18.61 13.57 -11.42
CA GLN B 17 18.87 13.60 -12.85
C GLN B 17 17.61 13.74 -13.74
N ARG B 18 17.83 13.64 -15.04
CA ARG B 18 16.78 13.81 -16.02
C ARG B 18 16.53 12.49 -16.71
N ALA B 19 15.26 12.22 -16.95
CA ALA B 19 14.91 11.14 -17.81
C ALA B 19 14.16 11.66 -19.00
N THR B 20 14.40 11.02 -20.15
CA THR B 20 13.75 11.34 -21.39
C THR B 20 13.28 10.08 -22.09
N ILE B 21 12.02 10.05 -22.50
CA ILE B 21 11.46 8.89 -23.15
C ILE B 21 10.98 9.26 -24.52
N SER B 22 11.36 8.49 -25.53
CA SER B 22 11.04 8.84 -26.91
C SER B 22 9.88 8.00 -27.39
N CYS B 23 9.09 8.61 -28.26
CA CYS B 23 7.94 7.97 -28.85
C CYS B 23 7.93 8.33 -30.32
N LYS B 24 8.39 7.41 -31.15
CA LYS B 24 8.43 7.63 -32.60
C LYS B 24 7.22 6.97 -33.26
N ALA B 25 6.57 7.73 -34.13
CA ALA B 25 5.37 7.32 -34.81
C ALA B 25 5.68 7.01 -36.25
N SER B 26 5.06 5.95 -36.76
CA SER B 26 5.28 5.51 -38.13
C SER B 26 4.78 6.49 -39.22
N GLN B 27 3.79 7.32 -38.88
CA GLN B 27 3.29 8.41 -39.73
C GLN B 27 3.03 9.59 -38.85
N SER B 28 2.97 10.79 -39.47
CA SER B 28 2.77 12.03 -38.72
C SER B 28 1.39 12.10 -38.03
N VAL B 29 1.38 12.75 -36.87
CA VAL B 29 0.24 12.74 -35.95
C VAL B 29 -0.23 14.18 -35.64
N ASP B 30 0.38 15.17 -36.30
CA ASP B 30 0.20 16.56 -35.93
C ASP B 30 -0.96 17.18 -36.66
N TYR B 31 -2.10 17.29 -35.99
CA TYR B 31 -3.26 17.93 -36.58
C TYR B 31 -3.17 19.39 -36.14
N ASP B 32 -2.38 20.13 -36.90
CA ASP B 32 -2.27 21.56 -36.79
C ASP B 32 -1.79 21.89 -35.37
N GLY B 33 -2.34 22.93 -34.75
CA GLY B 33 -1.81 23.44 -33.49
C GLY B 33 -1.79 22.37 -32.43
N ASP B 34 -2.29 21.21 -32.79
CA ASP B 34 -2.45 20.13 -31.86
C ASP B 34 -1.79 18.90 -32.46
N SER B 35 -0.83 18.35 -31.76
CA SER B 35 -0.40 16.98 -32.03
C SER B 35 -1.04 16.05 -31.00
N TYR B 36 -1.94 15.16 -31.42
CA TYR B 36 -2.69 14.34 -30.46
C TYR B 36 -1.90 13.12 -29.94
N VAL B 37 -0.98 13.40 -29.03
CA VAL B 37 -0.17 12.40 -28.38
C VAL B 37 -0.38 12.60 -26.90
N THR B 38 -0.64 11.48 -26.21
CA THR B 38 -0.85 11.46 -24.80
C THR B 38 0.23 10.63 -24.13
N TRP B 39 0.68 11.10 -22.96
CA TRP B 39 1.49 10.27 -22.09
C TRP B 39 0.72 9.79 -20.85
N TYR B 40 0.94 8.53 -20.48
CA TYR B 40 0.30 7.86 -19.32
C TYR B 40 1.36 7.22 -18.42
N GLN B 41 1.19 7.34 -17.11
CA GLN B 41 2.10 6.73 -16.13
C GLN B 41 1.41 5.54 -15.45
N GLN B 42 2.07 4.40 -15.43
CA GLN B 42 1.51 3.22 -14.73
C GLN B 42 2.45 2.62 -13.72
N LYS B 43 2.14 2.78 -12.45
CA LYS B 43 2.85 2.02 -11.41
C LYS B 43 2.28 0.62 -11.36
N PRO B 44 3.15 -0.38 -11.14
CA PRO B 44 2.68 -1.82 -11.15
C PRO B 44 1.57 -2.08 -10.19
N GLY B 45 0.61 -2.87 -10.62
CA GLY B 45 -0.62 -3.09 -9.85
C GLY B 45 -1.52 -1.84 -9.78
N GLN B 46 -1.09 -0.71 -10.35
CA GLN B 46 -1.89 0.54 -10.37
C GLN B 46 -2.48 0.73 -11.77
N PRO B 47 -3.63 1.40 -11.86
CA PRO B 47 -4.18 1.84 -13.13
C PRO B 47 -3.51 3.15 -13.70
N PRO B 48 -3.28 3.18 -15.01
CA PRO B 48 -2.57 4.29 -15.56
C PRO B 48 -3.21 5.62 -15.22
N LYS B 49 -2.37 6.66 -15.14
CA LYS B 49 -2.80 8.03 -14.98
C LYS B 49 -2.35 8.87 -16.17
N LEU B 50 -3.23 9.78 -16.55
CA LEU B 50 -2.93 10.79 -17.54
C LEU B 50 -1.82 11.72 -17.05
N LEU B 51 -0.74 11.82 -17.83
CA LEU B 51 0.37 12.72 -17.50
C LEU B 51 0.31 13.99 -18.34
N ILE B 52 0.26 13.82 -19.66
CA ILE B 52 0.39 14.91 -20.58
C ILE B 52 -0.54 14.63 -21.75
N TYR B 53 -1.24 15.68 -22.21
CA TYR B 53 -2.17 15.53 -23.33
C TYR B 53 -1.90 16.55 -24.42
N VAL B 54 -2.30 16.19 -25.64
CA VAL B 54 -2.06 16.99 -26.83
C VAL B 54 -0.56 17.38 -26.90
N ALA B 55 0.29 16.36 -26.75
CA ALA B 55 1.75 16.47 -26.85
C ALA B 55 2.44 17.14 -25.65
N SER B 56 2.02 18.36 -25.27
CA SER B 56 2.74 19.13 -24.24
C SER B 56 1.88 19.81 -23.18
N ASN B 57 0.57 19.57 -23.15
CA ASN B 57 -0.24 20.11 -22.06
C ASN B 57 -0.15 19.23 -20.80
N LEU B 58 0.36 19.82 -19.71
CA LEU B 58 0.42 19.20 -18.39
C LEU B 58 -1.00 19.07 -17.87
N GLU B 59 -1.43 17.85 -17.54
CA GLU B 59 -2.75 17.67 -16.96
C GLU B 59 -2.74 18.20 -15.55
N SER B 60 -3.90 18.71 -15.13
CA SER B 60 -4.07 19.33 -13.82
C SER B 60 -3.64 18.39 -12.68
N GLY B 61 -2.74 18.86 -11.83
CA GLY B 61 -2.32 18.10 -10.64
C GLY B 61 -0.97 17.40 -10.72
N ILE B 62 -0.43 17.26 -11.92
CA ILE B 62 0.81 16.51 -12.15
C ILE B 62 1.97 17.47 -11.90
N PRO B 63 3.10 16.99 -11.37
CA PRO B 63 4.19 17.96 -11.12
C PRO B 63 4.83 18.55 -12.39
N ALA B 64 5.30 19.80 -12.28
CA ALA B 64 6.05 20.46 -13.37
C ALA B 64 7.33 19.76 -13.78
N ARG B 65 7.73 18.76 -13.01
CA ARG B 65 8.89 17.95 -13.35
C ARG B 65 8.60 17.05 -14.54
N PHE B 66 7.35 17.01 -14.99
CA PHE B 66 6.97 16.25 -16.13
C PHE B 66 6.61 17.22 -17.24
N SER B 67 7.18 17.04 -18.42
CA SER B 67 6.86 17.94 -19.54
C SER B 67 6.89 17.15 -20.85
N GLY B 68 6.17 17.65 -21.85
CA GLY B 68 6.07 16.97 -23.13
C GLY B 68 6.29 17.85 -24.33
N SER B 69 6.76 17.27 -25.41
CA SER B 69 7.10 18.04 -26.60
C SER B 69 7.02 17.17 -27.83
N GLY B 70 7.33 17.76 -28.98
CA GLY B 70 7.51 17.03 -30.22
C GLY B 70 6.47 17.34 -31.26
N SER B 71 6.77 16.93 -32.49
CA SER B 71 5.90 17.17 -33.63
C SER B 71 6.07 16.08 -34.70
N GLY B 72 5.27 16.12 -35.75
CA GLY B 72 5.25 15.11 -36.82
C GLY B 72 5.24 13.68 -36.33
N THR B 73 6.40 13.02 -36.40
CA THR B 73 6.56 11.65 -36.08
C THR B 73 7.44 11.43 -34.86
N ASP B 74 7.91 12.50 -34.19
CA ASP B 74 8.81 12.35 -33.04
C ASP B 74 8.30 13.06 -31.79
N PHE B 75 8.13 12.30 -30.72
CA PHE B 75 7.64 12.86 -29.48
C PHE B 75 8.37 12.33 -28.26
N THR B 76 8.28 13.12 -27.20
CA THR B 76 9.25 13.08 -26.13
C THR B 76 8.57 13.44 -24.83
N LEU B 77 9.02 12.79 -23.78
CA LEU B 77 8.54 13.04 -22.44
C LEU B 77 9.76 13.27 -21.61
N ASN B 78 9.70 14.21 -20.70
CA ASN B 78 10.81 14.47 -19.82
C ASN B 78 10.39 14.55 -18.40
N ILE B 79 11.22 14.01 -17.55
CA ILE B 79 10.99 14.18 -16.17
C ILE B 79 12.31 14.56 -15.55
N HIS B 80 12.25 15.58 -14.70
CA HIS B 80 13.45 16.28 -14.28
C HIS B 80 13.09 17.33 -13.23
N PRO B 81 13.69 17.22 -12.03
CA PRO B 81 14.48 16.07 -11.59
C PRO B 81 13.59 14.83 -11.39
N VAL B 82 14.17 13.66 -11.55
CA VAL B 82 13.46 12.43 -11.20
C VAL B 82 13.49 12.31 -9.67
N GLU B 83 12.41 11.79 -9.11
CA GLU B 83 12.24 11.57 -7.67
C GLU B 83 11.80 10.13 -7.46
N GLU B 84 11.74 9.72 -6.19
CA GLU B 84 11.46 8.30 -5.84
C GLU B 84 10.30 7.69 -6.58
N GLU B 85 9.14 8.32 -6.52
CA GLU B 85 7.91 7.63 -6.93
C GLU B 85 7.60 7.75 -8.41
N ASP B 86 8.64 8.01 -9.20
CA ASP B 86 8.49 8.02 -10.66
C ASP B 86 8.78 6.63 -11.21
N ALA B 87 9.17 5.71 -10.34
CA ALA B 87 9.27 4.30 -10.75
C ALA B 87 7.91 3.85 -11.32
N ALA B 88 7.92 3.38 -12.57
CA ALA B 88 6.69 3.17 -13.34
C ALA B 88 7.02 2.81 -14.76
N THR B 89 5.99 2.42 -15.52
CA THR B 89 6.11 2.25 -16.97
C THR B 89 5.31 3.38 -17.61
N TYR B 90 5.97 4.18 -18.46
CA TYR B 90 5.34 5.32 -19.08
C TYR B 90 4.94 4.94 -20.48
N TYR B 91 3.73 5.31 -20.90
CA TYR B 91 3.22 5.01 -22.26
C TYR B 91 2.91 6.26 -23.10
N CYS B 92 3.08 6.17 -24.40
CA CYS B 92 2.63 7.21 -25.32
C CYS B 92 1.47 6.68 -26.13
N GLN B 93 0.48 7.52 -26.38
CA GLN B 93 -0.68 7.10 -27.12
C GLN B 93 -1.00 8.15 -28.20
N GLN B 94 -1.25 7.66 -29.41
CA GLN B 94 -1.69 8.44 -30.53
C GLN B 94 -3.19 8.48 -30.51
N SER B 95 -3.79 9.58 -30.94
CA SER B 95 -5.24 9.59 -31.06
C SER B 95 -5.80 10.51 -32.14
N ASN B 96 -5.01 10.76 -33.18
CA ASN B 96 -5.45 11.52 -34.35
C ASN B 96 -6.11 10.62 -35.42
N GLU B 97 -5.76 9.33 -35.41
CA GLU B 97 -6.31 8.36 -36.35
C GLU B 97 -6.87 7.16 -35.60
N ASP B 98 -8.02 6.64 -36.05
CA ASP B 98 -8.52 5.31 -35.62
C ASP B 98 -7.78 4.23 -36.39
N PRO B 99 -7.34 3.16 -35.70
CA PRO B 99 -7.52 2.94 -34.28
C PRO B 99 -6.55 3.76 -33.50
N TRP B 100 -7.02 4.28 -32.37
CA TRP B 100 -6.15 4.85 -31.37
C TRP B 100 -5.07 3.83 -31.01
N THR B 101 -3.82 4.24 -30.97
CA THR B 101 -2.67 3.32 -30.82
C THR B 101 -1.80 3.68 -29.62
N PHE B 102 -1.24 2.65 -28.96
CA PHE B 102 -0.31 2.86 -27.84
C PHE B 102 1.09 2.42 -28.18
N GLY B 103 2.07 3.03 -27.52
CA GLY B 103 3.45 2.52 -27.56
C GLY B 103 3.52 1.34 -26.60
N GLY B 104 4.52 0.48 -26.82
CA GLY B 104 4.82 -0.65 -25.95
C GLY B 104 5.31 -0.27 -24.55
N GLY B 105 5.60 1.00 -24.35
CA GLY B 105 5.91 1.48 -23.00
C GLY B 105 7.37 1.38 -22.69
N THR B 106 7.78 2.20 -21.75
CA THR B 106 9.17 2.33 -21.37
C THR B 106 9.20 2.33 -19.87
N LYS B 107 10.00 1.44 -19.29
CA LYS B 107 10.10 1.35 -17.84
C LYS B 107 11.17 2.27 -17.34
N LEU B 108 10.86 3.01 -16.28
CA LEU B 108 11.86 3.86 -15.67
C LEU B 108 12.31 3.22 -14.39
N GLU B 109 13.56 2.73 -14.39
CA GLU B 109 14.21 2.23 -13.21
C GLU B 109 14.93 3.34 -12.49
N ILE B 110 14.69 3.43 -11.19
CA ILE B 110 15.42 4.36 -10.36
C ILE B 110 16.84 3.92 -10.02
N LYS B 111 17.82 4.78 -10.33
CA LYS B 111 19.24 4.45 -10.13
C LYS B 111 19.79 4.89 -8.76
N ARG B 112 20.00 3.90 -7.91
CA ARG B 112 20.54 4.03 -6.56
C ARG B 112 21.92 3.39 -6.55
N ALA B 113 22.54 3.38 -5.37
CA ALA B 113 23.82 2.72 -5.19
C ALA B 113 23.70 1.18 -5.29
N ASP B 114 24.79 0.56 -5.74
CA ASP B 114 24.99 -0.87 -5.67
C ASP B 114 24.61 -1.42 -4.31
N ALA B 115 23.84 -2.50 -4.29
CA ALA B 115 23.62 -3.26 -3.06
C ALA B 115 23.53 -4.77 -3.32
N ALA B 116 24.28 -5.55 -2.54
CA ALA B 116 24.34 -7.00 -2.68
C ALA B 116 23.09 -7.69 -2.12
N PRO B 117 22.63 -8.74 -2.80
CA PRO B 117 21.44 -9.52 -2.35
C PRO B 117 21.64 -10.25 -1.05
N THR B 118 20.58 -10.27 -0.25
CA THR B 118 20.54 -11.17 0.90
C THR B 118 19.98 -12.52 0.45
N VAL B 119 20.80 -13.57 0.52
CA VAL B 119 20.42 -14.89 -0.03
C VAL B 119 19.98 -15.82 1.05
N SER B 120 18.89 -16.55 0.80
CA SER B 120 18.40 -17.56 1.74
C SER B 120 17.87 -18.79 0.98
N ILE B 121 18.04 -19.97 1.56
CA ILE B 121 17.66 -21.20 0.86
C ILE B 121 16.74 -22.04 1.77
N PHE B 122 15.83 -22.77 1.14
CA PHE B 122 14.74 -23.45 1.83
C PHE B 122 14.52 -24.85 1.29
N PRO B 123 14.58 -25.84 2.18
CA PRO B 123 14.31 -27.23 1.76
C PRO B 123 12.86 -27.44 1.34
N PRO B 124 12.60 -28.47 0.52
CA PRO B 124 11.22 -28.96 0.35
C PRO B 124 10.53 -29.17 1.68
N SER B 125 9.31 -28.64 1.80
CA SER B 125 8.50 -28.90 2.97
C SER B 125 8.10 -30.40 3.10
N SER B 126 8.06 -30.92 4.33
CA SER B 126 7.50 -32.27 4.55
C SER B 126 6.22 -32.42 3.78
N GLU B 127 5.44 -31.36 3.73
CA GLU B 127 4.08 -31.41 3.23
C GLU B 127 4.06 -31.54 1.71
N GLN B 128 5.16 -31.21 1.09
CA GLN B 128 5.27 -31.30 -0.35
C GLN B 128 5.80 -32.68 -0.71
N LEU B 129 6.81 -33.11 0.03
CA LEU B 129 7.36 -34.46 -0.15
C LEU B 129 6.25 -35.52 -0.06
N THR B 130 5.38 -35.36 0.93
CA THR B 130 4.22 -36.20 1.09
C THR B 130 3.38 -36.36 -0.19
N SER B 131 3.22 -35.27 -0.94
CA SER B 131 2.50 -35.32 -2.20
C SER B 131 3.34 -35.86 -3.37
N GLY B 132 4.60 -36.19 -3.12
CA GLY B 132 5.47 -36.74 -4.15
C GLY B 132 6.21 -35.69 -5.01
N GLY B 133 6.48 -34.52 -4.43
CA GLY B 133 7.20 -33.44 -5.13
C GLY B 133 8.25 -32.80 -4.24
N ALA B 134 9.18 -32.08 -4.84
CA ALA B 134 10.24 -31.47 -4.09
C ALA B 134 10.73 -30.20 -4.76
N SER B 135 10.49 -29.08 -4.09
CA SER B 135 10.97 -27.80 -4.57
C SER B 135 11.91 -27.21 -3.58
N VAL B 136 13.02 -26.71 -4.10
CA VAL B 136 13.99 -26.03 -3.28
C VAL B 136 13.97 -24.59 -3.69
N VAL B 137 13.90 -23.70 -2.70
CA VAL B 137 13.67 -22.31 -2.96
C VAL B 137 14.83 -21.47 -2.43
N CYS B 138 15.22 -20.49 -3.24
CA CYS B 138 16.29 -19.56 -2.89
C CYS B 138 15.85 -18.10 -3.11
N PHE B 139 16.08 -17.27 -2.11
CA PHE B 139 15.69 -15.87 -2.19
C PHE B 139 16.88 -14.91 -2.27
N LEU B 140 16.91 -14.13 -3.33
CA LEU B 140 17.90 -13.07 -3.47
C LEU B 140 17.18 -11.75 -3.31
N ASN B 141 17.24 -11.17 -2.12
CA ASN B 141 16.42 -10.02 -1.75
C ASN B 141 17.20 -8.70 -1.60
N ASN B 142 16.56 -7.63 -2.02
CA ASN B 142 17.06 -6.27 -1.88
C ASN B 142 18.48 -6.02 -2.43
N PHE B 143 18.59 -6.10 -3.74
CA PHE B 143 19.87 -5.93 -4.42
C PHE B 143 19.79 -4.88 -5.54
N TYR B 144 20.94 -4.35 -5.96
CA TYR B 144 20.94 -3.32 -7.06
C TYR B 144 22.20 -3.31 -7.95
N PRO B 145 22.04 -2.84 -9.19
CA PRO B 145 21.92 -3.46 -10.46
C PRO B 145 20.97 -4.67 -10.42
N LYS B 146 19.93 -4.58 -11.22
CA LYS B 146 19.01 -5.67 -11.46
C LYS B 146 19.72 -6.93 -11.91
N ASP B 147 20.77 -6.75 -12.69
CA ASP B 147 21.67 -7.80 -13.15
C ASP B 147 22.16 -8.75 -12.04
N ILE B 148 21.96 -10.05 -12.26
CA ILE B 148 22.44 -11.07 -11.31
C ILE B 148 22.76 -12.42 -12.00
N ASN B 149 23.33 -13.35 -11.25
CA ASN B 149 23.37 -14.73 -11.71
C ASN B 149 23.15 -15.74 -10.57
N VAL B 150 22.27 -16.69 -10.83
CA VAL B 150 22.03 -17.77 -9.88
C VAL B 150 22.52 -19.04 -10.50
N LYS B 151 23.35 -19.74 -9.76
CA LYS B 151 23.73 -21.10 -10.08
C LYS B 151 23.01 -22.03 -9.07
N TRP B 152 22.39 -23.08 -9.60
CA TRP B 152 21.80 -24.13 -8.79
C TRP B 152 22.66 -25.37 -8.95
N LYS B 153 23.39 -25.73 -7.89
CA LYS B 153 24.23 -26.93 -7.91
C LYS B 153 23.69 -28.11 -7.08
N ILE B 154 23.70 -29.30 -7.65
CA ILE B 154 23.28 -30.51 -6.91
C ILE B 154 24.45 -31.45 -6.77
N ASP B 155 24.83 -31.68 -5.51
CA ASP B 155 26.03 -32.42 -5.19
C ASP B 155 27.20 -31.88 -5.97
N GLY B 156 27.27 -30.55 -6.08
CA GLY B 156 28.34 -29.91 -6.81
C GLY B 156 28.27 -30.37 -8.25
N SER B 157 27.16 -30.07 -8.89
CA SER B 157 26.99 -30.36 -10.30
C SER B 157 25.91 -29.40 -10.70
N GLU B 158 26.25 -28.45 -11.54
CA GLU B 158 25.30 -27.45 -11.92
C GLU B 158 24.10 -28.07 -12.56
N ARG B 159 22.94 -27.61 -12.15
CA ARG B 159 21.70 -28.01 -12.78
C ARG B 159 20.80 -26.84 -13.07
N GLN B 160 19.94 -27.05 -14.06
CA GLN B 160 19.24 -25.97 -14.75
C GLN B 160 17.79 -26.33 -15.20
N ASN B 161 17.54 -27.62 -15.47
CA ASN B 161 16.18 -28.13 -15.70
C ASN B 161 15.37 -28.14 -14.41
N GLY B 162 14.13 -27.67 -14.51
CA GLY B 162 13.27 -27.51 -13.35
C GLY B 162 13.52 -26.27 -12.50
N VAL B 163 14.24 -25.28 -13.03
CA VAL B 163 14.51 -24.04 -12.28
C VAL B 163 13.59 -22.89 -12.70
N LEU B 164 12.86 -22.29 -11.76
CA LEU B 164 11.95 -21.19 -12.08
C LEU B 164 12.26 -19.91 -11.30
N ASN B 165 12.58 -18.85 -12.05
CA ASN B 165 13.00 -17.58 -11.51
C ASN B 165 11.97 -16.49 -11.75
N SER B 166 11.86 -15.60 -10.78
CA SER B 166 10.96 -14.46 -10.87
C SER B 166 11.61 -13.22 -10.30
N TRP B 167 11.23 -12.09 -10.85
CA TRP B 167 11.78 -10.84 -10.41
C TRP B 167 10.67 -9.94 -9.97
N THR B 168 10.85 -9.28 -8.84
CA THR B 168 9.92 -8.28 -8.45
C THR B 168 10.20 -6.93 -9.17
N ASP B 169 9.17 -6.11 -9.20
CA ASP B 169 9.25 -4.75 -9.61
C ASP B 169 10.07 -4.04 -8.59
N GLN B 170 10.79 -3.04 -9.07
CA GLN B 170 11.62 -2.21 -8.25
C GLN B 170 10.84 -1.73 -7.04
N ASP B 171 11.50 -1.74 -5.90
CA ASP B 171 10.87 -1.44 -4.64
C ASP B 171 10.61 0.05 -4.44
N SER B 172 9.37 0.39 -4.13
CA SER B 172 8.97 1.77 -3.94
C SER B 172 9.73 2.39 -2.77
N LYS B 173 9.82 1.65 -1.66
CA LYS B 173 10.45 2.22 -0.46
C LYS B 173 11.99 2.44 -0.59
N ASP B 174 12.71 1.46 -1.17
CA ASP B 174 14.18 1.51 -1.24
C ASP B 174 14.81 1.30 -2.61
N SER B 175 14.01 1.11 -3.65
CA SER B 175 14.49 1.09 -5.03
C SER B 175 15.40 -0.08 -5.36
N THR B 176 15.32 -1.09 -4.55
CA THR B 176 16.06 -2.29 -4.84
C THR B 176 15.19 -3.23 -5.60
N TYR B 177 15.84 -4.23 -6.18
CA TYR B 177 15.16 -5.35 -6.77
C TYR B 177 15.24 -6.60 -5.86
N SER B 178 14.45 -7.61 -6.20
CA SER B 178 14.47 -8.92 -5.49
C SER B 178 14.14 -10.05 -6.44
N MET B 179 14.71 -11.23 -6.22
CA MET B 179 14.41 -12.39 -7.06
C MET B 179 14.29 -13.69 -6.32
N SER B 180 13.41 -14.57 -6.81
CA SER B 180 13.36 -15.94 -6.33
C SER B 180 13.67 -16.87 -7.45
N SER B 181 14.38 -17.93 -7.10
CA SER B 181 14.72 -19.00 -8.00
C SER B 181 14.25 -20.27 -7.31
N THR B 182 13.49 -21.13 -7.98
CA THR B 182 13.00 -22.36 -7.33
C THR B 182 13.33 -23.59 -8.16
N LEU B 183 14.12 -24.49 -7.61
CA LEU B 183 14.39 -25.73 -8.27
C LEU B 183 13.30 -26.73 -7.86
N THR B 184 12.62 -27.30 -8.86
CA THR B 184 11.67 -28.38 -8.65
C THR B 184 12.16 -29.69 -9.21
N LEU B 185 11.88 -30.76 -8.49
CA LEU B 185 12.05 -32.11 -9.02
C LEU B 185 11.15 -33.04 -8.24
N THR B 186 11.10 -34.32 -8.63
CA THR B 186 10.27 -35.28 -7.90
C THR B 186 10.94 -35.64 -6.58
N LYS B 187 10.17 -36.26 -5.70
CA LYS B 187 10.66 -36.69 -4.38
C LYS B 187 11.81 -37.68 -4.51
N ASP B 188 11.59 -38.79 -5.24
CA ASP B 188 12.64 -39.77 -5.56
C ASP B 188 13.95 -39.11 -6.07
N GLU B 189 13.84 -38.11 -6.94
CA GLU B 189 15.04 -37.43 -7.45
C GLU B 189 15.75 -36.73 -6.31
N TYR B 190 14.94 -36.03 -5.51
CA TYR B 190 15.41 -35.32 -4.34
C TYR B 190 16.17 -36.20 -3.40
N GLU B 191 15.69 -37.45 -3.25
CA GLU B 191 16.22 -38.42 -2.29
C GLU B 191 17.51 -39.12 -2.76
N ARG B 192 17.87 -39.00 -4.04
CA ARG B 192 19.19 -39.48 -4.58
C ARG B 192 20.38 -38.53 -4.41
N HIS B 193 20.22 -37.38 -3.76
CA HIS B 193 21.33 -36.45 -3.63
C HIS B 193 21.39 -35.90 -2.23
N ASN B 194 22.58 -35.44 -1.85
CA ASN B 194 22.81 -34.85 -0.55
C ASN B 194 22.72 -33.33 -0.52
N SER B 195 23.61 -32.67 -1.27
CA SER B 195 23.79 -31.22 -1.14
C SER B 195 23.07 -30.42 -2.22
N TYR B 196 22.27 -29.47 -1.77
CA TYR B 196 21.55 -28.59 -2.65
C TYR B 196 22.08 -27.16 -2.44
N THR B 197 22.61 -26.56 -3.49
CA THR B 197 23.27 -25.27 -3.34
C THR B 197 22.78 -24.19 -4.29
N CYS B 198 22.44 -23.06 -3.69
CA CYS B 198 22.10 -21.82 -4.38
C CYS B 198 23.27 -20.86 -4.31
N GLU B 199 23.85 -20.51 -5.47
CA GLU B 199 24.96 -19.56 -5.58
C GLU B 199 24.59 -18.30 -6.36
N ALA B 200 24.87 -17.14 -5.78
CA ALA B 200 24.51 -15.88 -6.37
C ALA B 200 25.74 -15.04 -6.68
N THR B 201 25.81 -14.54 -7.90
CA THR B 201 26.88 -13.64 -8.32
C THR B 201 26.30 -12.29 -8.71
N HIS B 202 26.91 -11.24 -8.20
CA HIS B 202 26.39 -9.90 -8.32
C HIS B 202 27.58 -9.02 -8.48
N LYS B 203 27.41 -7.87 -9.14
CA LYS B 203 28.54 -7.03 -9.50
C LYS B 203 29.22 -6.40 -8.29
N THR B 204 28.61 -6.49 -7.11
CA THR B 204 29.20 -5.99 -5.86
C THR B 204 30.12 -7.00 -5.18
N SER B 205 30.26 -8.20 -5.72
CA SER B 205 31.20 -9.20 -5.19
C SER B 205 31.81 -10.05 -6.30
N THR B 206 33.06 -10.41 -6.11
CA THR B 206 33.74 -11.35 -6.97
C THR B 206 33.50 -12.75 -6.41
N SER B 207 33.45 -12.83 -5.09
CA SER B 207 33.05 -14.06 -4.40
C SER B 207 31.55 -14.25 -4.52
N PRO B 208 31.14 -15.38 -5.11
CA PRO B 208 29.71 -15.72 -5.04
C PRO B 208 29.18 -15.78 -3.60
N ILE B 209 27.92 -15.40 -3.43
CA ILE B 209 27.21 -15.69 -2.20
C ILE B 209 26.60 -17.08 -2.35
N VAL B 210 26.97 -17.96 -1.43
CA VAL B 210 26.70 -19.38 -1.54
C VAL B 210 25.89 -19.79 -0.34
N LYS B 211 24.72 -20.36 -0.59
CA LYS B 211 23.85 -20.79 0.48
C LYS B 211 23.42 -22.26 0.22
N SER B 212 23.62 -23.15 1.18
CA SER B 212 23.26 -24.56 0.95
C SER B 212 22.70 -25.29 2.16
N PHE B 213 22.15 -26.46 1.90
CA PHE B 213 21.87 -27.36 2.99
C PHE B 213 22.16 -28.77 2.50
N ASN B 214 22.42 -29.63 3.45
CA ASN B 214 22.51 -31.06 3.15
C ASN B 214 21.24 -31.74 3.56
N ARG B 215 20.72 -32.59 2.68
CA ARG B 215 19.53 -33.40 2.94
C ARG B 215 19.78 -34.42 4.05
N ASN B 216 21.06 -34.78 4.23
CA ASN B 216 21.51 -35.84 5.15
C ASN B 216 21.99 -35.29 6.50
N GLU B 217 22.36 -34.00 6.55
CA GLU B 217 22.92 -33.37 7.74
C GLU B 217 21.93 -32.78 8.75
N CYS B 218 22.47 -32.45 9.93
CA CYS B 218 21.80 -31.71 11.02
C CYS B 218 22.77 -31.63 12.21
N ASP C 1 21.11 -1.06 2.04
CA ASP C 1 20.33 0.00 2.75
C ASP C 1 20.04 -0.32 4.20
N VAL C 2 20.11 0.73 5.01
CA VAL C 2 19.90 0.63 6.43
C VAL C 2 18.46 0.22 6.72
N LYS C 3 18.28 -0.79 7.59
CA LYS C 3 16.94 -1.18 8.06
C LYS C 3 16.92 -1.54 9.53
N LEU C 4 15.90 -1.01 10.20
CA LEU C 4 15.72 -1.17 11.62
C LEU C 4 14.32 -1.70 11.85
N VAL C 5 14.19 -2.83 12.55
CA VAL C 5 12.87 -3.44 12.76
C VAL C 5 12.71 -3.78 14.22
N GLU C 6 11.75 -3.14 14.89
CA GLU C 6 11.65 -3.30 16.35
C GLU C 6 10.49 -4.23 16.77
N SER C 7 10.60 -4.80 17.98
CA SER C 7 9.62 -5.78 18.43
C SER C 7 9.55 -5.96 19.94
N GLY C 8 8.58 -6.78 20.35
CA GLY C 8 8.40 -7.14 21.75
C GLY C 8 7.37 -6.29 22.45
N GLY C 9 6.69 -5.40 21.72
CA GLY C 9 5.72 -4.51 22.35
C GLY C 9 4.38 -5.22 22.54
N GLY C 10 3.57 -4.69 23.45
CA GLY C 10 2.20 -5.15 23.64
C GLY C 10 1.67 -4.66 24.98
N LEU C 11 0.62 -5.29 25.49
CA LEU C 11 -0.04 -4.78 26.68
C LEU C 11 0.70 -5.23 27.92
N VAL C 12 0.73 -4.41 28.96
CA VAL C 12 1.42 -4.72 30.22
C VAL C 12 0.75 -3.87 31.27
N ASN C 13 0.69 -4.39 32.49
CA ASN C 13 0.04 -3.69 33.58
C ASN C 13 0.88 -2.58 34.16
N LEU C 14 0.24 -1.78 35.00
CA LEU C 14 0.91 -0.71 35.71
C LEU C 14 1.90 -1.35 36.68
N GLY C 15 3.06 -0.70 36.88
CA GLY C 15 4.15 -1.29 37.67
C GLY C 15 4.90 -2.40 36.92
N GLY C 16 4.41 -2.75 35.72
CA GLY C 16 4.88 -3.94 35.02
C GLY C 16 6.26 -3.76 34.43
N SER C 17 6.70 -4.75 33.66
CA SER C 17 8.00 -4.70 33.01
C SER C 17 7.96 -5.44 31.65
N LEU C 18 8.72 -4.94 30.67
CA LEU C 18 8.76 -5.48 29.32
C LEU C 18 10.01 -4.98 28.60
N LYS C 19 10.63 -5.85 27.83
CA LYS C 19 11.85 -5.58 27.11
C LYS C 19 11.59 -5.45 25.60
N LEU C 20 12.03 -4.35 25.00
CA LEU C 20 11.92 -4.16 23.55
C LEU C 20 13.22 -4.46 22.82
N SER C 21 13.08 -4.79 21.54
CA SER C 21 14.17 -5.26 20.74
C SER C 21 14.11 -4.52 19.43
N CYS C 22 15.27 -4.29 18.85
CA CYS C 22 15.35 -3.67 17.56
C CYS C 22 16.39 -4.47 16.81
N ALA C 23 16.04 -4.92 15.61
CA ALA C 23 16.96 -5.68 14.76
C ALA C 23 17.43 -4.87 13.56
N ALA C 24 18.76 -4.87 13.34
CA ALA C 24 19.45 -3.98 12.41
C ALA C 24 20.12 -4.70 11.28
N SER C 25 20.09 -4.11 10.08
CA SER C 25 20.78 -4.69 8.92
C SER C 25 21.08 -3.67 7.83
N GLY C 26 22.10 -3.96 7.03
CA GLY C 26 22.47 -3.12 5.88
C GLY C 26 23.60 -2.12 6.18
N PHE C 27 24.17 -2.22 7.37
CA PHE C 27 25.22 -1.31 7.77
C PHE C 27 26.01 -1.90 8.93
N THR C 28 27.24 -1.44 9.09
CA THR C 28 28.13 -1.92 10.11
C THR C 28 27.72 -1.37 11.47
N PHE C 29 26.77 -2.08 12.07
CA PHE C 29 26.13 -1.72 13.34
C PHE C 29 27.05 -1.28 14.48
N SER C 30 28.24 -1.87 14.54
CA SER C 30 29.19 -1.62 15.60
C SER C 30 29.80 -0.22 15.57
N ARG C 31 29.62 0.48 14.46
CA ARG C 31 30.15 1.84 14.34
C ARG C 31 29.20 2.94 14.83
N TYR C 32 27.92 2.61 15.06
CA TYR C 32 26.88 3.64 15.20
C TYR C 32 26.33 3.86 16.59
N TYR C 33 26.01 5.13 16.84
CA TYR C 33 25.24 5.53 18.00
C TYR C 33 23.79 5.13 17.74
N MET C 34 23.06 4.79 18.81
CA MET C 34 21.69 4.25 18.70
C MET C 34 20.81 4.77 19.80
N SER C 35 19.55 5.01 19.48
CA SER C 35 18.61 5.56 20.46
C SER C 35 17.20 4.99 20.37
N TRP C 36 16.45 5.14 21.46
CA TRP C 36 15.01 4.91 21.44
C TRP C 36 14.28 6.25 21.56
N VAL C 37 13.31 6.45 20.67
CA VAL C 37 12.48 7.64 20.67
C VAL C 37 11.03 7.19 20.67
N ARG C 38 10.21 7.80 21.52
CA ARG C 38 8.83 7.38 21.62
C ARG C 38 7.84 8.48 21.27
N GLN C 39 6.76 8.07 20.60
CA GLN C 39 5.71 8.95 20.13
C GLN C 39 4.42 8.65 20.89
N THR C 40 3.94 9.64 21.64
CA THR C 40 2.74 9.51 22.45
C THR C 40 1.48 9.52 21.56
N PRO C 41 0.35 8.98 22.07
CA PRO C 41 -0.94 8.98 21.36
C PRO C 41 -1.30 10.33 20.73
N GLU C 42 -0.85 11.41 21.33
CA GLU C 42 -1.07 12.79 20.86
C GLU C 42 0.06 13.29 19.93
N LYS C 43 0.91 12.35 19.50
CA LYS C 43 1.90 12.47 18.43
C LYS C 43 3.21 13.15 18.78
N ARG C 44 3.40 13.56 20.03
CA ARG C 44 4.66 14.21 20.44
C ARG C 44 5.75 13.20 20.64
N LEU C 45 6.96 13.60 20.26
CA LEU C 45 8.13 12.75 20.24
C LEU C 45 9.07 13.08 21.38
N GLU C 46 9.77 12.08 21.88
CA GLU C 46 10.66 12.27 23.00
C GLU C 46 11.71 11.18 22.98
N LEU C 47 12.96 11.58 23.11
CA LEU C 47 14.09 10.66 23.20
C LEU C 47 14.17 10.09 24.62
N VAL C 48 13.94 8.82 24.72
CA VAL C 48 13.93 8.14 25.99
C VAL C 48 15.33 7.78 26.46
N ALA C 49 16.18 7.40 25.53
CA ALA C 49 17.46 6.82 25.87
C ALA C 49 18.31 6.54 24.67
N ALA C 50 19.61 6.50 24.90
CA ALA C 50 20.62 6.37 23.85
C ALA C 50 21.88 5.67 24.35
N ILE C 51 22.64 5.13 23.40
CA ILE C 51 23.87 4.39 23.71
C ILE C 51 24.87 4.52 22.55
N ASN C 52 26.15 4.51 22.88
CA ASN C 52 27.19 4.66 21.88
C ASN C 52 27.59 3.31 21.30
N HIS C 53 28.49 3.34 20.34
CA HIS C 53 28.93 2.20 19.58
C HIS C 53 29.55 1.09 20.38
N ASN C 54 30.15 1.42 21.52
CA ASN C 54 30.85 0.44 22.32
C ASN C 54 30.24 0.21 23.71
N SER C 55 29.01 0.65 23.91
CA SER C 55 28.31 0.54 25.20
C SER C 55 29.05 1.21 26.35
N GLY C 56 29.98 2.11 26.00
CA GLY C 56 30.71 2.90 26.98
C GLY C 56 29.89 4.03 27.60
N ARG C 57 28.90 4.53 26.89
CA ARG C 57 28.18 5.74 27.31
C ARG C 57 26.70 5.52 27.05
N THR C 58 25.87 5.88 28.02
CA THR C 58 24.41 5.83 27.92
C THR C 58 23.81 7.17 28.30
N TYR C 59 22.65 7.48 27.73
CA TYR C 59 21.82 8.62 28.19
C TYR C 59 20.35 8.21 28.41
N TYR C 60 19.70 8.81 29.40
CA TYR C 60 18.29 8.57 29.70
C TYR C 60 17.57 9.88 29.94
N SER C 61 16.36 10.03 29.42
CA SER C 61 15.55 11.18 29.82
C SER C 61 15.27 11.00 31.31
N ASP C 62 15.00 12.11 32.00
CA ASP C 62 14.74 12.07 33.43
C ASP C 62 13.48 11.28 33.81
N THR C 63 12.48 11.31 32.93
CA THR C 63 11.24 10.60 33.17
C THR C 63 11.42 9.09 33.14
N VAL C 64 12.46 8.61 32.47
CA VAL C 64 12.72 7.18 32.45
C VAL C 64 13.95 6.74 33.22
N LYS C 65 14.76 7.70 33.67
CA LYS C 65 15.97 7.37 34.42
C LYS C 65 15.65 6.51 35.67
N GLY C 66 16.25 5.33 35.73
CA GLY C 66 16.11 4.43 36.90
C GLY C 66 15.07 3.35 36.73
N ARG C 67 14.28 3.44 35.67
CA ARG C 67 13.25 2.47 35.33
C ARG C 67 13.58 1.72 34.05
N PHE C 68 14.34 2.37 33.14
CA PHE C 68 14.64 1.81 31.81
C PHE C 68 16.13 1.49 31.72
N THR C 69 16.52 0.62 30.81
CA THR C 69 17.95 0.33 30.59
C THR C 69 18.14 0.00 29.11
N ILE C 70 19.11 0.65 28.46
CA ILE C 70 19.46 0.35 27.07
C ILE C 70 20.65 -0.58 27.02
N SER C 71 20.64 -1.48 26.05
CA SER C 71 21.74 -2.40 25.79
C SER C 71 21.82 -2.74 24.32
N ARG C 72 22.95 -3.29 23.92
CA ARG C 72 23.20 -3.62 22.52
C ARG C 72 24.10 -4.82 22.46
N ASP C 73 23.95 -5.61 21.40
CA ASP C 73 24.92 -6.62 21.11
C ASP C 73 25.40 -6.42 19.67
N ASN C 74 26.65 -6.00 19.52
CA ASN C 74 27.16 -5.70 18.18
C ASN C 74 27.30 -6.93 17.28
N ALA C 75 27.41 -8.10 17.89
CA ALA C 75 27.55 -9.33 17.13
C ALA C 75 26.22 -9.78 16.56
N LYS C 76 25.14 -9.56 17.33
CA LYS C 76 23.79 -9.94 16.89
C LYS C 76 23.08 -8.81 16.14
N ASN C 77 23.70 -7.64 16.06
CA ASN C 77 23.08 -6.43 15.48
C ASN C 77 21.70 -6.16 16.08
N THR C 78 21.62 -6.18 17.41
CA THR C 78 20.36 -5.95 18.10
C THR C 78 20.53 -4.92 19.22
N LEU C 79 19.53 -4.06 19.36
CA LEU C 79 19.45 -3.07 20.43
C LEU C 79 18.25 -3.43 21.29
N TYR C 80 18.31 -3.08 22.58
CA TYR C 80 17.27 -3.44 23.54
C TYR C 80 16.89 -2.31 24.45
N LEU C 81 15.63 -2.31 24.89
CA LEU C 81 15.16 -1.42 25.94
C LEU C 81 14.44 -2.23 27.01
N GLN C 82 15.10 -2.39 28.16
CA GLN C 82 14.51 -3.01 29.35
C GLN C 82 13.74 -1.99 30.14
N MET C 83 12.42 -2.16 30.21
CA MET C 83 11.53 -1.26 30.95
C MET C 83 10.93 -1.93 32.18
N SER C 84 10.62 -1.11 33.17
CA SER C 84 10.13 -1.57 34.47
C SER C 84 9.43 -0.43 35.20
N SER C 85 8.67 -0.73 36.25
CA SER C 85 7.84 0.30 36.90
C SER C 85 7.09 1.11 35.84
N LEU C 86 6.54 0.41 34.86
CA LEU C 86 5.82 1.06 33.78
C LEU C 86 4.66 1.91 34.30
N LYS C 87 4.56 3.12 33.75
CA LYS C 87 3.46 4.03 34.05
C LYS C 87 2.60 4.17 32.80
N SER C 88 1.38 4.70 32.97
CA SER C 88 0.49 4.86 31.85
C SER C 88 1.13 5.78 30.81
N GLU C 89 1.77 6.83 31.30
CA GLU C 89 2.51 7.79 30.48
C GLU C 89 3.55 7.14 29.57
N ASP C 90 4.01 5.93 29.91
CA ASP C 90 4.95 5.22 29.04
C ASP C 90 4.27 4.65 27.81
N THR C 91 2.93 4.61 27.80
CA THR C 91 2.18 4.13 26.64
C THR C 91 2.55 4.91 25.39
N ALA C 92 3.23 4.27 24.46
CA ALA C 92 3.61 4.95 23.23
C ALA C 92 3.99 3.96 22.17
N LEU C 93 4.26 4.47 20.97
CA LEU C 93 4.95 3.71 19.93
C LEU C 93 6.43 4.04 20.08
N TYR C 94 7.25 2.99 20.21
CA TYR C 94 8.67 3.15 20.42
C TYR C 94 9.44 2.83 19.15
N TYR C 95 10.17 3.81 18.59
CA TYR C 95 11.07 3.63 17.43
C TYR C 95 12.50 3.50 17.89
N CYS C 96 13.28 2.66 17.23
CA CYS C 96 14.71 2.71 17.48
C CYS C 96 15.33 3.51 16.35
N THR C 97 16.39 4.23 16.67
CA THR C 97 16.95 5.23 15.75
C THR C 97 18.46 5.15 15.66
N ARG C 98 18.96 5.26 14.45
CA ARG C 98 20.39 5.31 14.15
C ARG C 98 20.87 6.78 14.06
N HIS C 99 22.08 7.02 14.55
CA HIS C 99 22.75 8.29 14.38
C HIS C 99 23.79 8.17 13.29
N PRO C 100 24.04 9.25 12.56
CA PRO C 100 25.05 9.21 11.54
C PRO C 100 26.41 9.25 12.21
N LEU C 101 27.44 8.90 11.46
CA LEU C 101 28.81 9.04 11.92
C LEU C 101 29.30 10.48 11.83
N ILE C 102 29.99 10.92 12.88
CA ILE C 102 30.62 12.24 12.97
C ILE C 102 29.79 13.33 12.27
N TYR C 103 28.49 13.38 12.56
CA TYR C 103 27.62 14.37 11.95
C TYR C 103 27.81 14.44 10.44
N HIS C 104 28.05 13.32 9.75
CA HIS C 104 28.09 13.36 8.28
C HIS C 104 26.65 13.67 7.74
N GLY C 105 25.64 13.21 8.48
CA GLY C 105 24.22 13.48 8.15
C GLY C 105 23.52 14.03 9.38
N ASN C 106 22.27 13.64 9.62
CA ASN C 106 21.60 14.24 10.76
C ASN C 106 21.63 13.43 11.96
N TYR C 107 21.68 14.15 13.08
CA TYR C 107 21.62 13.55 14.40
C TYR C 107 20.62 12.37 14.62
N LEU C 108 19.58 12.21 13.80
CA LEU C 108 18.99 10.87 13.61
C LEU C 108 18.73 10.61 12.13
N ASP C 109 19.59 9.80 11.52
CA ASP C 109 19.43 9.57 10.07
C ASP C 109 18.44 8.45 9.64
N TYR C 110 18.09 7.49 10.52
CA TYR C 110 17.18 6.38 10.17
C TYR C 110 16.33 5.87 11.37
N TRP C 111 15.06 5.63 11.09
CA TRP C 111 14.09 5.20 12.09
C TRP C 111 13.47 3.86 11.68
N GLY C 112 13.08 3.05 12.66
CA GLY C 112 12.36 1.81 12.39
C GLY C 112 10.88 2.03 12.17
N GLN C 113 10.07 0.95 12.26
CA GLN C 113 8.62 1.04 11.99
C GLN C 113 7.86 1.34 13.26
N GLY C 114 8.55 1.20 14.38
CA GLY C 114 7.94 1.33 15.69
C GLY C 114 7.37 0.02 16.17
N THR C 115 7.40 -0.18 17.49
CA THR C 115 6.59 -1.19 18.14
C THR C 115 5.83 -0.53 19.29
N THR C 116 4.59 -0.98 19.50
CA THR C 116 3.62 -0.32 20.39
C THR C 116 3.60 -0.81 21.82
N LEU C 117 3.57 0.15 22.74
CA LEU C 117 3.53 -0.17 24.14
C LEU C 117 2.25 0.41 24.72
N THR C 118 1.49 -0.46 25.41
CA THR C 118 0.25 -0.11 26.07
C THR C 118 0.34 -0.47 27.55
N VAL C 119 0.43 0.54 28.41
CA VAL C 119 0.46 0.31 29.85
C VAL C 119 -0.95 0.66 30.32
N SER C 120 -1.64 -0.34 30.86
CA SER C 120 -3.07 -0.27 31.19
C SER C 120 -3.51 -1.46 32.04
N SER C 121 -4.46 -1.22 32.93
CA SER C 121 -5.01 -2.28 33.79
C SER C 121 -6.06 -3.16 33.05
N ALA C 122 -6.72 -2.54 32.05
CA ALA C 122 -7.75 -3.19 31.25
C ALA C 122 -7.24 -4.47 30.63
N LYS C 123 -8.17 -5.34 30.22
CA LYS C 123 -7.85 -6.71 29.81
C LYS C 123 -7.98 -6.96 28.33
N THR C 124 -7.18 -7.90 27.83
CA THR C 124 -7.25 -8.34 26.43
C THR C 124 -8.62 -8.94 26.14
N THR C 125 -9.26 -8.45 25.07
CA THR C 125 -10.62 -8.85 24.75
C THR C 125 -10.79 -8.92 23.24
N PRO C 126 -11.37 -10.01 22.71
CA PRO C 126 -11.56 -10.03 21.25
C PRO C 126 -12.75 -9.20 20.81
N PRO C 127 -12.82 -8.86 19.51
CA PRO C 127 -13.93 -8.09 19.01
C PRO C 127 -15.09 -8.94 18.56
N SER C 128 -16.26 -8.33 18.46
CA SER C 128 -17.37 -8.89 17.72
C SER C 128 -17.35 -8.21 16.36
N VAL C 129 -17.50 -9.02 15.33
CA VAL C 129 -17.50 -8.55 13.98
C VAL C 129 -18.88 -8.74 13.40
N TYR C 130 -19.64 -7.64 13.38
CA TYR C 130 -20.97 -7.57 12.80
C TYR C 130 -20.92 -7.10 11.35
N PRO C 131 -21.78 -7.67 10.49
CA PRO C 131 -21.81 -7.23 9.09
C PRO C 131 -22.71 -6.01 8.90
N LEU C 132 -22.24 -5.03 8.10
CA LEU C 132 -23.03 -3.84 7.76
C LEU C 132 -23.47 -3.92 6.30
N ALA C 133 -24.76 -4.17 6.12
CA ALA C 133 -25.37 -4.40 4.83
C ALA C 133 -26.51 -3.45 4.78
N PRO C 134 -26.86 -2.94 3.59
CA PRO C 134 -27.98 -2.01 3.56
C PRO C 134 -29.33 -2.70 3.69
N GLY C 135 -30.32 -1.96 4.19
CA GLY C 135 -31.71 -2.44 4.24
C GLY C 135 -32.28 -2.57 2.83
N SER C 136 -33.54 -3.00 2.72
CA SER C 136 -34.18 -3.16 1.39
C SER C 136 -34.19 -1.88 0.55
N ALA C 137 -34.24 -0.71 1.22
CA ALA C 137 -34.17 0.59 0.54
C ALA C 137 -32.71 1.04 0.25
N ALA C 138 -31.90 0.10 -0.23
CA ALA C 138 -30.45 0.25 -0.39
C ALA C 138 -30.06 1.18 -1.56
N GLN C 139 -28.75 1.41 -1.71
CA GLN C 139 -28.19 2.24 -2.81
C GLN C 139 -28.37 1.63 -4.22
N THR C 140 -29.55 1.88 -4.81
CA THR C 140 -29.81 1.61 -6.22
C THR C 140 -29.15 2.70 -7.07
N ASN C 141 -27.84 2.80 -6.89
CA ASN C 141 -26.93 3.54 -7.78
C ASN C 141 -25.91 2.58 -8.38
N SER C 142 -25.00 3.12 -9.18
CA SER C 142 -24.02 2.29 -9.87
C SER C 142 -23.14 1.49 -8.89
N MET C 143 -22.91 2.05 -7.70
CA MET C 143 -22.08 1.45 -6.67
C MET C 143 -22.89 1.16 -5.38
N VAL C 144 -22.44 0.18 -4.61
CA VAL C 144 -23.03 -0.14 -3.30
C VAL C 144 -21.90 0.02 -2.31
N THR C 145 -22.19 0.55 -1.13
CA THR C 145 -21.26 0.46 -0.03
C THR C 145 -21.67 -0.64 0.95
N LEU C 146 -20.69 -1.38 1.48
CA LEU C 146 -20.89 -2.38 2.54
C LEU C 146 -19.82 -2.21 3.61
N GLY C 147 -20.02 -2.86 4.76
CA GLY C 147 -19.06 -2.72 5.83
C GLY C 147 -19.09 -3.78 6.90
N CYS C 148 -18.14 -3.68 7.81
CA CYS C 148 -18.11 -4.47 9.01
C CYS C 148 -17.85 -3.59 10.20
N LEU C 149 -18.51 -3.93 11.30
CA LEU C 149 -18.34 -3.23 12.55
C LEU C 149 -17.55 -4.09 13.50
N VAL C 150 -16.37 -3.61 13.87
CA VAL C 150 -15.47 -4.36 14.73
C VAL C 150 -15.46 -3.73 16.10
N LYS C 151 -16.18 -4.36 17.02
CA LYS C 151 -16.56 -3.73 18.27
C LYS C 151 -16.10 -4.49 19.51
N GLY C 152 -15.63 -3.74 20.51
CA GLY C 152 -15.39 -4.25 21.85
C GLY C 152 -14.09 -4.98 22.08
N TYR C 153 -13.03 -4.57 21.37
CA TYR C 153 -11.71 -5.21 21.49
C TYR C 153 -10.70 -4.37 22.27
N PHE C 154 -9.66 -5.04 22.75
CA PHE C 154 -8.57 -4.40 23.48
C PHE C 154 -7.43 -5.40 23.61
N PRO C 155 -6.18 -4.97 23.41
CA PRO C 155 -5.71 -3.65 22.97
C PRO C 155 -5.68 -3.53 21.45
N GLU C 156 -5.14 -2.40 20.93
CA GLU C 156 -4.80 -2.28 19.52
C GLU C 156 -3.68 -3.25 19.19
N PRO C 157 -3.53 -3.61 17.91
CA PRO C 157 -4.32 -3.19 16.76
C PRO C 157 -5.27 -4.28 16.27
N VAL C 158 -6.08 -3.90 15.29
CA VAL C 158 -6.87 -4.77 14.46
C VAL C 158 -6.38 -4.64 13.03
N THR C 159 -6.56 -5.67 12.22
CA THR C 159 -6.41 -5.51 10.80
C THR C 159 -7.64 -5.93 10.04
N VAL C 160 -8.03 -5.13 9.05
CA VAL C 160 -9.20 -5.41 8.25
C VAL C 160 -8.80 -5.44 6.78
N THR C 161 -9.22 -6.52 6.12
CA THR C 161 -9.00 -6.73 4.71
C THR C 161 -10.36 -7.01 4.09
N TRP C 162 -10.44 -6.99 2.76
CA TRP C 162 -11.68 -7.29 2.08
C TRP C 162 -11.38 -8.20 0.93
N ASN C 163 -12.04 -9.36 0.94
CA ASN C 163 -11.73 -10.44 0.03
C ASN C 163 -10.23 -10.66 -0.10
N SER C 164 -9.59 -10.59 1.05
CA SER C 164 -8.18 -10.89 1.20
C SER C 164 -7.29 -10.00 0.33
N GLY C 165 -7.72 -8.75 0.11
CA GLY C 165 -6.92 -7.76 -0.61
C GLY C 165 -7.55 -7.28 -1.90
N SER C 166 -8.09 -8.20 -2.69
CA SER C 166 -8.64 -7.91 -4.02
C SER C 166 -9.49 -6.64 -4.15
N LEU C 167 -10.09 -6.20 -3.05
CA LEU C 167 -10.96 -5.02 -3.05
C LEU C 167 -10.33 -3.75 -2.47
N SER C 168 -8.99 -3.71 -2.42
CA SER C 168 -8.27 -2.66 -1.69
C SER C 168 -8.62 -1.22 -2.08
N SER C 169 -8.85 -0.97 -3.36
CA SER C 169 -8.95 0.41 -3.84
C SER C 169 -10.25 1.15 -3.46
N GLY C 170 -11.20 0.48 -2.84
CA GLY C 170 -12.44 1.14 -2.40
C GLY C 170 -12.71 0.97 -0.92
N VAL C 171 -11.66 0.68 -0.14
CA VAL C 171 -11.78 0.39 1.29
C VAL C 171 -11.37 1.54 2.16
N HIS C 172 -12.22 1.91 3.12
CA HIS C 172 -11.82 2.83 4.17
C HIS C 172 -11.97 2.14 5.49
N THR C 173 -10.85 1.95 6.19
CA THR C 173 -10.87 1.50 7.57
C THR C 173 -10.57 2.65 8.53
N PHE C 174 -11.56 3.02 9.33
CA PHE C 174 -11.50 4.16 10.21
C PHE C 174 -10.75 3.86 11.52
N PRO C 175 -9.95 4.83 12.03
CA PRO C 175 -9.21 4.60 13.28
C PRO C 175 -10.14 4.29 14.47
N ALA C 176 -9.64 3.54 15.44
CA ALA C 176 -10.49 3.09 16.53
C ALA C 176 -10.78 4.23 17.48
N VAL C 177 -11.93 4.13 18.13
CA VAL C 177 -12.32 5.00 19.22
C VAL C 177 -12.47 4.18 20.50
N LEU C 178 -12.11 4.77 21.64
CA LEU C 178 -12.08 4.07 22.93
C LEU C 178 -13.31 4.46 23.74
N GLN C 179 -14.06 3.46 24.20
CA GLN C 179 -15.27 3.64 25.00
C GLN C 179 -14.98 3.33 26.49
N SER C 180 -15.85 2.54 27.13
CA SER C 180 -15.71 2.16 28.54
C SER C 180 -14.28 1.77 28.89
N ASP C 181 -13.72 0.92 28.05
CA ASP C 181 -12.28 0.60 28.03
C ASP C 181 -12.06 -0.37 26.87
N LEU C 182 -12.78 -0.12 25.78
CA LEU C 182 -12.82 -1.02 24.64
C LEU C 182 -12.85 -0.23 23.34
N TYR C 183 -12.14 -0.74 22.34
CA TYR C 183 -12.05 -0.06 21.06
C TYR C 183 -13.16 -0.55 20.15
N THR C 184 -13.73 0.38 19.41
CA THR C 184 -14.59 0.07 18.28
C THR C 184 -14.06 0.85 17.09
N LEU C 185 -14.05 0.21 15.94
CA LEU C 185 -13.76 0.88 14.69
C LEU C 185 -14.70 0.28 13.67
N SER C 186 -14.68 0.84 12.47
CA SER C 186 -15.47 0.31 11.37
C SER C 186 -14.66 0.34 10.08
N SER C 187 -15.23 -0.24 9.03
CA SER C 187 -14.55 -0.33 7.74
C SER C 187 -15.56 -0.52 6.61
N SER C 188 -15.49 0.34 5.60
CA SER C 188 -16.39 0.30 4.44
C SER C 188 -15.68 -0.12 3.17
N VAL C 189 -16.46 -0.58 2.20
CA VAL C 189 -15.94 -0.89 0.87
C VAL C 189 -17.05 -0.59 -0.06
N THR C 190 -16.70 -0.25 -1.30
CA THR C 190 -17.67 0.04 -2.33
C THR C 190 -17.40 -0.91 -3.45
N VAL C 191 -18.44 -1.35 -4.10
CA VAL C 191 -18.34 -2.36 -5.11
C VAL C 191 -19.48 -2.07 -6.07
N PRO C 192 -19.33 -2.43 -7.35
CA PRO C 192 -20.46 -2.15 -8.22
C PRO C 192 -21.74 -2.83 -7.71
N SER C 193 -22.85 -2.11 -7.75
CA SER C 193 -24.15 -2.66 -7.36
C SER C 193 -24.44 -4.02 -7.97
N SER C 194 -24.18 -4.16 -9.27
CA SER C 194 -24.49 -5.39 -10.01
C SER C 194 -23.64 -6.59 -9.59
N THR C 195 -22.84 -6.41 -8.53
CA THR C 195 -21.90 -7.41 -8.05
C THR C 195 -22.35 -8.00 -6.70
N TRP C 196 -22.97 -7.18 -5.87
CA TRP C 196 -23.18 -7.61 -4.50
C TRP C 196 -24.15 -8.77 -4.32
N PRO C 197 -25.32 -8.73 -4.98
CA PRO C 197 -26.05 -10.00 -4.85
C PRO C 197 -25.12 -11.19 -5.08
N SER C 198 -24.71 -11.34 -6.32
CA SER C 198 -24.18 -12.56 -6.90
C SER C 198 -22.74 -12.89 -6.54
N GLU C 199 -22.10 -12.03 -5.78
CA GLU C 199 -20.68 -12.17 -5.54
C GLU C 199 -20.44 -12.00 -4.07
N THR C 200 -19.50 -12.78 -3.58
CA THR C 200 -19.16 -12.75 -2.19
C THR C 200 -18.35 -11.48 -1.92
N VAL C 201 -18.63 -10.88 -0.76
CA VAL C 201 -17.85 -9.78 -0.23
C VAL C 201 -17.64 -10.05 1.24
N THR C 202 -16.37 -10.09 1.66
CA THR C 202 -16.03 -10.68 2.94
C THR C 202 -14.94 -9.89 3.64
N CYS C 203 -15.25 -9.37 4.83
CA CYS C 203 -14.24 -8.65 5.57
C CYS C 203 -13.38 -9.60 6.37
N ASN C 204 -12.07 -9.46 6.24
CA ASN C 204 -11.14 -10.29 6.96
C ASN C 204 -10.63 -9.49 8.15
N VAL C 205 -10.86 -9.99 9.34
CA VAL C 205 -10.61 -9.24 10.57
C VAL C 205 -9.78 -10.09 11.51
N ALA C 206 -8.59 -9.58 11.86
CA ALA C 206 -7.71 -10.26 12.80
C ALA C 206 -7.42 -9.34 13.98
N HIS C 207 -7.42 -9.92 15.19
CA HIS C 207 -6.98 -9.24 16.38
C HIS C 207 -5.89 -10.13 16.94
N PRO C 208 -4.61 -9.71 16.80
CA PRO C 208 -3.53 -10.62 17.15
C PRO C 208 -3.37 -10.90 18.64
N ALA C 209 -3.53 -9.90 19.49
CA ALA C 209 -3.39 -10.07 20.94
C ALA C 209 -4.27 -11.19 21.50
N SER C 210 -5.41 -11.42 20.86
CA SER C 210 -6.36 -12.48 21.26
C SER C 210 -6.42 -13.64 20.24
N SER C 211 -5.48 -13.64 19.31
CA SER C 211 -5.46 -14.52 18.14
C SER C 211 -6.82 -14.73 17.49
N THR C 212 -7.62 -13.68 17.48
CA THR C 212 -8.92 -13.70 16.83
C THR C 212 -8.75 -13.53 15.33
N LYS C 213 -9.63 -14.19 14.58
CA LYS C 213 -9.61 -14.08 13.13
C LYS C 213 -10.92 -14.57 12.54
N VAL C 214 -11.54 -13.72 11.75
CA VAL C 214 -12.83 -14.04 11.16
C VAL C 214 -12.89 -13.54 9.74
N ASP C 215 -13.71 -14.21 8.95
CA ASP C 215 -14.05 -13.79 7.61
C ASP C 215 -15.56 -13.75 7.62
N LYS C 216 -16.16 -12.57 7.76
CA LYS C 216 -17.61 -12.45 7.87
C LYS C 216 -18.13 -12.10 6.50
N LYS C 217 -18.79 -13.07 5.86
CA LYS C 217 -19.43 -12.81 4.59
C LYS C 217 -20.57 -11.83 4.89
N ILE C 218 -20.77 -10.88 4.02
CA ILE C 218 -21.87 -9.92 4.19
C ILE C 218 -23.05 -10.46 3.44
N VAL C 219 -24.17 -10.61 4.13
CA VAL C 219 -25.35 -11.25 3.58
C VAL C 219 -26.43 -10.21 3.53
N PRO C 220 -27.17 -10.19 2.43
CA PRO C 220 -28.27 -9.25 2.41
C PRO C 220 -29.33 -9.53 3.48
N ARG C 221 -30.25 -8.60 3.61
CA ARG C 221 -31.45 -8.72 4.40
C ARG C 221 -32.63 -8.84 3.43
N ASP D 1 15.74 23.38 29.21
CA ASP D 1 15.23 22.75 27.97
C ASP D 1 14.88 23.82 26.96
N ILE D 2 14.89 23.43 25.69
CA ILE D 2 14.56 24.30 24.60
C ILE D 2 13.20 23.89 24.06
N VAL D 3 12.18 24.69 24.36
CA VAL D 3 10.85 24.43 23.84
C VAL D 3 10.88 24.74 22.37
N LEU D 4 10.25 23.88 21.59
CA LEU D 4 10.21 24.02 20.14
C LEU D 4 8.76 24.03 19.72
N THR D 5 8.29 25.20 19.32
CA THR D 5 6.90 25.36 18.94
C THR D 5 6.80 25.54 17.42
N GLN D 6 5.91 24.77 16.81
CA GLN D 6 5.73 24.73 15.37
C GLN D 6 4.39 25.32 15.01
N SER D 7 4.40 26.45 14.32
CA SER D 7 3.16 27.03 13.79
C SER D 7 3.09 26.90 12.26
N PRO D 8 1.86 26.90 11.70
CA PRO D 8 0.63 26.55 12.40
C PRO D 8 0.69 25.04 12.69
N ALA D 9 -0.38 24.45 13.21
CA ALA D 9 -0.42 23.00 13.48
C ALA D 9 -0.78 22.24 12.23
N SER D 10 -1.65 22.80 11.43
CA SER D 10 -1.96 22.25 10.11
C SER D 10 -1.85 23.36 9.04
N LEU D 11 -1.50 22.99 7.81
CA LEU D 11 -1.48 23.91 6.70
C LEU D 11 -2.06 23.20 5.49
N ALA D 12 -2.93 23.86 4.74
CA ALA D 12 -3.50 23.28 3.53
C ALA D 12 -2.97 24.05 2.33
N VAL D 13 -2.27 23.34 1.45
CA VAL D 13 -1.60 23.97 0.30
C VAL D 13 -1.96 23.18 -0.94
N SER D 14 -2.23 23.89 -2.05
CA SER D 14 -2.54 23.24 -3.32
C SER D 14 -1.30 22.70 -4.03
N LEU D 15 -1.53 21.69 -4.88
CA LEU D 15 -0.48 21.06 -5.65
C LEU D 15 0.10 22.11 -6.55
N GLY D 16 1.41 22.29 -6.50
CA GLY D 16 2.10 23.33 -7.30
C GLY D 16 2.56 24.44 -6.39
N GLN D 17 1.73 24.83 -5.43
CA GLN D 17 2.02 25.90 -4.50
C GLN D 17 3.18 25.59 -3.54
N ARG D 18 3.38 26.49 -2.60
CA ARG D 18 4.47 26.42 -1.68
C ARG D 18 3.94 26.22 -0.30
N ALA D 19 4.61 25.38 0.46
CA ALA D 19 4.32 25.30 1.86
C ALA D 19 5.55 25.69 2.63
N THR D 20 5.30 26.33 3.77
CA THR D 20 6.36 26.80 4.65
C THR D 20 5.97 26.52 6.07
N ILE D 21 6.88 25.92 6.82
CA ILE D 21 6.57 25.52 8.18
C ILE D 21 7.56 26.18 9.09
N SER D 22 7.06 26.79 10.17
CA SER D 22 7.96 27.48 11.10
C SER D 22 8.25 26.63 12.29
N CYS D 23 9.45 26.82 12.80
CA CYS D 23 9.89 26.16 14.00
C CYS D 23 10.59 27.18 14.86
N LYS D 24 9.91 27.63 15.90
CA LYS D 24 10.45 28.63 16.80
C LYS D 24 10.94 28.00 18.09
N ALA D 25 12.16 28.37 18.47
CA ALA D 25 12.81 27.81 19.62
C ALA D 25 12.83 28.81 20.76
N SER D 26 12.63 28.33 21.98
CA SER D 26 12.57 29.19 23.16
C SER D 26 13.91 29.85 23.50
N GLN D 27 15.01 29.24 23.09
CA GLN D 27 16.36 29.83 23.17
C GLN D 27 17.08 29.52 21.88
N SER D 28 18.15 30.26 21.62
CA SER D 28 18.91 30.09 20.38
C SER D 28 19.61 28.73 20.34
N VAL D 29 19.75 28.23 19.12
CA VAL D 29 20.22 26.88 18.86
C VAL D 29 21.48 26.86 17.99
N ASP D 30 22.06 28.02 17.74
CA ASP D 30 23.23 28.10 16.88
C ASP D 30 24.47 27.69 17.66
N TYR D 31 25.20 26.69 17.14
CA TYR D 31 26.62 26.50 17.53
C TYR D 31 27.75 26.57 16.46
N ASP D 32 28.71 27.50 16.63
CA ASP D 32 29.92 27.56 15.78
C ASP D 32 29.64 27.54 14.27
N GLY D 33 28.88 28.53 13.79
CA GLY D 33 28.56 28.62 12.38
C GLY D 33 27.62 27.53 11.85
N ASP D 34 27.15 26.65 12.74
CA ASP D 34 26.18 25.60 12.44
C ASP D 34 25.04 25.63 13.44
N SER D 35 23.79 25.56 12.97
CA SER D 35 22.64 25.53 13.86
C SER D 35 21.91 24.15 13.80
N TYR D 36 21.93 23.46 14.93
CA TYR D 36 21.50 22.05 14.95
C TYR D 36 20.01 21.86 15.06
N VAL D 37 19.36 22.02 13.92
CA VAL D 37 17.95 21.79 13.77
C VAL D 37 17.76 20.78 12.65
N THR D 38 16.89 19.80 12.91
CA THR D 38 16.61 18.74 11.97
C THR D 38 15.15 18.79 11.61
N TRP D 39 14.85 18.52 10.36
CA TRP D 39 13.48 18.27 9.95
C TRP D 39 13.25 16.80 9.61
N TYR D 40 12.09 16.28 10.04
CA TYR D 40 11.65 14.90 9.81
C TYR D 40 10.26 14.85 9.18
N GLN D 41 10.05 13.96 8.21
CA GLN D 41 8.75 13.77 7.59
C GLN D 41 8.11 12.44 8.06
N GLN D 42 6.86 12.49 8.54
CA GLN D 42 6.14 11.28 8.90
C GLN D 42 4.77 11.14 8.24
N LYS D 43 4.67 10.16 7.34
CA LYS D 43 3.36 9.76 6.82
C LYS D 43 2.68 8.81 7.80
N PRO D 44 1.34 8.90 7.95
CA PRO D 44 0.63 8.09 8.96
C PRO D 44 0.85 6.60 8.79
N GLY D 45 1.01 5.90 9.90
CA GLY D 45 1.42 4.50 9.89
C GLY D 45 2.83 4.27 9.38
N GLN D 46 3.52 5.33 8.95
CA GLN D 46 4.92 5.23 8.47
C GLN D 46 5.88 5.75 9.54
N PRO D 47 7.12 5.21 9.57
CA PRO D 47 8.17 5.75 10.39
C PRO D 47 8.88 7.03 9.81
N PRO D 48 9.16 8.03 10.68
CA PRO D 48 9.71 9.27 10.18
C PRO D 48 10.97 9.09 9.36
N LYS D 49 11.16 9.99 8.39
CA LYS D 49 12.37 10.07 7.60
C LYS D 49 13.05 11.42 7.80
N LEU D 50 14.37 11.37 7.82
CA LEU D 50 15.20 12.53 7.82
C LEU D 50 15.02 13.32 6.53
N LEU D 51 14.68 14.60 6.67
CA LEU D 51 14.52 15.48 5.53
C LEU D 51 15.73 16.39 5.41
N ILE D 52 16.02 17.12 6.48
CA ILE D 52 17.02 18.17 6.43
C ILE D 52 17.76 18.14 7.76
N TYR D 53 19.08 18.31 7.71
CA TYR D 53 19.89 18.32 8.92
C TYR D 53 20.75 19.57 9.01
N VAL D 54 21.08 19.93 10.25
CA VAL D 54 21.90 21.10 10.55
C VAL D 54 21.29 22.32 9.85
N ALA D 55 19.99 22.49 10.06
CA ALA D 55 19.20 23.60 9.54
C ALA D 55 18.89 23.56 8.04
N SER D 56 19.91 23.43 7.19
CA SER D 56 19.72 23.52 5.74
C SER D 56 20.41 22.47 4.87
N ASN D 57 21.06 21.46 5.44
CA ASN D 57 21.62 20.38 4.61
C ASN D 57 20.56 19.36 4.17
N LEU D 58 20.33 19.27 2.85
CA LEU D 58 19.41 18.30 2.24
C LEU D 58 20.05 16.94 2.40
N GLU D 59 19.35 16.02 3.06
CA GLU D 59 19.87 14.68 3.21
C GLU D 59 19.78 13.97 1.86
N SER D 60 20.73 13.09 1.65
CA SER D 60 20.88 12.39 0.39
C SER D 60 19.60 11.65 0.00
N GLY D 61 19.07 11.91 -1.20
CA GLY D 61 17.91 11.18 -1.72
C GLY D 61 16.57 11.91 -1.68
N ILE D 62 16.50 13.00 -0.92
CA ILE D 62 15.26 13.76 -0.78
C ILE D 62 15.17 14.77 -1.92
N PRO D 63 13.96 15.07 -2.41
CA PRO D 63 13.89 16.01 -3.53
C PRO D 63 14.30 17.44 -3.18
N ALA D 64 14.86 18.14 -4.16
CA ALA D 64 15.22 19.56 -4.05
C ALA D 64 14.04 20.49 -3.79
N ARG D 65 12.82 19.96 -3.84
CA ARG D 65 11.64 20.74 -3.50
C ARG D 65 11.58 21.00 -2.01
N PHE D 66 12.46 20.37 -1.25
CA PHE D 66 12.49 20.49 0.19
C PHE D 66 13.74 21.23 0.53
N SER D 67 13.63 22.33 1.27
CA SER D 67 14.81 23.13 1.63
C SER D 67 14.62 23.75 2.99
N GLY D 68 15.74 24.07 3.65
CA GLY D 68 15.72 24.51 5.03
C GLY D 68 16.63 25.69 5.31
N SER D 69 16.28 26.49 6.31
CA SER D 69 16.99 27.71 6.60
C SER D 69 16.85 28.08 8.06
N GLY D 70 17.60 29.08 8.49
CA GLY D 70 17.58 29.32 9.91
C GLY D 70 18.40 30.37 10.63
N SER D 71 17.85 30.79 11.77
CA SER D 71 18.36 31.86 12.59
C SER D 71 18.63 31.34 13.99
N GLY D 72 18.94 32.24 14.91
CA GLY D 72 18.99 31.94 16.34
C GLY D 72 17.70 31.27 16.80
N THR D 73 16.62 32.04 16.77
CA THR D 73 15.34 31.63 17.35
C THR D 73 14.35 30.99 16.39
N ASP D 74 14.46 31.35 15.11
CA ASP D 74 13.41 31.09 14.11
C ASP D 74 13.91 30.31 12.88
N PHE D 75 13.34 29.13 12.66
CA PHE D 75 13.77 28.23 11.58
C PHE D 75 12.61 27.98 10.67
N THR D 76 12.88 27.36 9.54
CA THR D 76 11.90 27.26 8.48
C THR D 76 12.17 26.05 7.59
N LEU D 77 11.09 25.45 7.11
CA LEU D 77 11.16 24.40 6.14
C LEU D 77 10.28 24.81 4.99
N ASN D 78 10.74 24.57 3.77
CA ASN D 78 9.94 24.89 2.60
C ASN D 78 9.79 23.72 1.69
N ILE D 79 8.60 23.60 1.14
CA ILE D 79 8.34 22.59 0.17
C ILE D 79 7.70 23.31 -0.98
N HIS D 80 8.20 23.03 -2.17
CA HIS D 80 7.81 23.77 -3.33
C HIS D 80 8.42 23.19 -4.60
N PRO D 81 7.60 22.90 -5.60
CA PRO D 81 6.14 22.82 -5.51
C PRO D 81 5.72 21.65 -4.64
N VAL D 82 4.60 21.79 -3.96
CA VAL D 82 4.08 20.66 -3.22
C VAL D 82 3.52 19.70 -4.27
N GLU D 83 3.69 18.41 -3.97
CA GLU D 83 3.19 17.31 -4.79
C GLU D 83 2.37 16.37 -3.92
N GLU D 84 1.70 15.40 -4.55
CA GLU D 84 0.73 14.53 -3.84
C GLU D 84 1.26 13.94 -2.54
N GLU D 85 2.43 13.33 -2.57
CA GLU D 85 2.85 12.47 -1.50
C GLU D 85 3.57 13.22 -0.39
N ASP D 86 3.33 14.53 -0.29
CA ASP D 86 3.90 15.33 0.77
C ASP D 86 2.92 15.40 1.92
N ALA D 87 1.76 14.81 1.72
CA ALA D 87 0.82 14.63 2.82
C ALA D 87 1.58 13.89 3.92
N ALA D 88 1.63 14.50 5.10
CA ALA D 88 2.47 14.03 6.22
C ALA D 88 2.42 15.04 7.37
N THR D 89 3.00 14.66 8.50
CA THR D 89 3.31 15.59 9.58
C THR D 89 4.82 15.81 9.57
N TYR D 90 5.22 17.08 9.54
CA TYR D 90 6.63 17.42 9.51
C TYR D 90 7.04 17.91 10.87
N TYR D 91 8.20 17.43 11.36
CA TYR D 91 8.72 17.77 12.69
C TYR D 91 10.06 18.47 12.64
N CYS D 92 10.29 19.37 13.59
CA CYS D 92 11.58 19.96 13.75
C CYS D 92 12.15 19.47 15.04
N GLN D 93 13.45 19.23 15.06
CA GLN D 93 14.12 18.75 16.25
C GLN D 93 15.39 19.55 16.51
N GLN D 94 15.56 19.96 17.77
CA GLN D 94 16.76 20.67 18.23
C GLN D 94 17.73 19.62 18.75
N SER D 95 19.02 19.85 18.58
CA SER D 95 19.97 18.90 19.12
C SER D 95 21.33 19.50 19.47
N ASN D 96 21.33 20.79 19.80
CA ASN D 96 22.53 21.47 20.31
C ASN D 96 22.64 21.35 21.84
N GLU D 97 21.49 21.19 22.50
CA GLU D 97 21.47 21.09 23.95
C GLU D 97 20.73 19.80 24.36
N ASP D 98 21.28 19.11 25.34
CA ASP D 98 20.57 18.03 25.99
C ASP D 98 19.60 18.66 27.00
N PRO D 99 18.37 18.12 27.10
CA PRO D 99 17.86 17.04 26.27
C PRO D 99 17.51 17.49 24.86
N TRP D 100 17.80 16.65 23.87
CA TRP D 100 17.30 16.84 22.52
C TRP D 100 15.80 17.00 22.60
N THR D 101 15.23 17.94 21.85
CA THR D 101 13.79 18.22 21.88
C THR D 101 13.15 18.29 20.48
N PHE D 102 11.86 17.96 20.42
CA PHE D 102 11.08 18.00 19.19
C PHE D 102 10.00 19.04 19.26
N GLY D 103 9.59 19.51 18.09
CA GLY D 103 8.39 20.32 17.97
C GLY D 103 7.19 19.38 17.94
N GLY D 104 6.02 19.92 18.30
CA GLY D 104 4.75 19.20 18.24
C GLY D 104 4.31 18.80 16.83
N GLY D 105 4.98 19.33 15.82
CA GLY D 105 4.75 18.88 14.46
C GLY D 105 3.66 19.69 13.81
N THR D 106 3.70 19.70 12.50
CA THR D 106 2.79 20.47 11.70
C THR D 106 2.30 19.55 10.61
N LYS D 107 0.99 19.43 10.49
CA LYS D 107 0.38 18.55 9.49
C LYS D 107 0.20 19.33 8.21
N LEU D 108 0.57 18.73 7.09
CA LEU D 108 0.35 19.35 5.78
C LEU D 108 -0.79 18.63 5.09
N GLU D 109 -1.92 19.32 4.96
CA GLU D 109 -3.06 18.85 4.21
C GLU D 109 -2.95 19.32 2.79
N ILE D 110 -3.13 18.39 1.87
CA ILE D 110 -3.18 18.72 0.46
C ILE D 110 -4.49 19.33 0.02
N LYS D 111 -4.41 20.50 -0.59
CA LYS D 111 -5.58 21.24 -1.02
C LYS D 111 -6.00 20.93 -2.46
N ARG D 112 -7.09 20.20 -2.57
CA ARG D 112 -7.71 19.80 -3.83
C ARG D 112 -9.04 20.53 -3.98
N ALA D 113 -9.75 20.23 -5.06
CA ALA D 113 -11.12 20.73 -5.28
C ALA D 113 -12.12 20.16 -4.28
N ASP D 114 -13.14 20.95 -4.00
CA ASP D 114 -14.33 20.51 -3.31
C ASP D 114 -14.86 19.16 -3.82
N ALA D 115 -15.18 18.25 -2.90
CA ALA D 115 -15.93 17.03 -3.25
C ALA D 115 -16.89 16.62 -2.13
N ALA D 116 -18.15 16.41 -2.51
CA ALA D 116 -19.20 16.01 -1.56
C ALA D 116 -19.07 14.56 -1.13
N PRO D 117 -19.38 14.26 0.15
CA PRO D 117 -19.33 12.91 0.69
C PRO D 117 -20.36 11.99 0.12
N THR D 118 -19.97 10.74 -0.08
CA THR D 118 -20.91 9.68 -0.42
C THR D 118 -21.43 9.10 0.89
N VAL D 119 -22.72 9.25 1.16
CA VAL D 119 -23.27 8.85 2.44
C VAL D 119 -24.01 7.52 2.34
N SER D 120 -23.78 6.65 3.33
CA SER D 120 -24.46 5.35 3.38
C SER D 120 -24.81 5.00 4.81
N ILE D 121 -25.94 4.37 5.02
CA ILE D 121 -26.39 4.07 6.37
C ILE D 121 -26.67 2.56 6.49
N PHE D 122 -26.45 2.02 7.69
CA PHE D 122 -26.48 0.59 7.92
C PHE D 122 -27.22 0.24 9.19
N PRO D 123 -28.24 -0.62 9.08
CA PRO D 123 -28.95 -1.12 10.27
C PRO D 123 -28.11 -2.02 11.18
N PRO D 124 -28.50 -2.13 12.46
CA PRO D 124 -27.92 -3.15 13.36
C PRO D 124 -28.04 -4.55 12.77
N SER D 125 -26.98 -5.32 12.80
CA SER D 125 -27.03 -6.68 12.33
C SER D 125 -27.92 -7.57 13.23
N SER D 126 -28.64 -8.51 12.63
CA SER D 126 -29.37 -9.52 13.41
C SER D 126 -28.45 -10.08 14.48
N GLU D 127 -27.17 -10.23 14.15
CA GLU D 127 -26.21 -10.93 15.01
C GLU D 127 -25.80 -10.05 16.21
N GLN D 128 -26.03 -8.74 16.11
CA GLN D 128 -25.77 -7.82 17.21
C GLN D 128 -27.01 -7.73 18.10
N LEU D 129 -28.17 -7.62 17.48
CA LEU D 129 -29.43 -7.58 18.20
C LEU D 129 -29.57 -8.81 19.11
N THR D 130 -29.21 -9.97 18.58
CA THR D 130 -29.20 -11.21 19.34
C THR D 130 -28.41 -11.09 20.65
N SER D 131 -27.29 -10.39 20.62
CA SER D 131 -26.50 -10.17 21.83
C SER D 131 -27.07 -9.06 22.73
N GLY D 132 -28.14 -8.38 22.30
CA GLY D 132 -28.77 -7.33 23.10
C GLY D 132 -28.24 -5.92 22.89
N GLY D 133 -27.69 -5.65 21.70
CA GLY D 133 -27.11 -4.34 21.37
C GLY D 133 -27.55 -3.88 19.99
N ALA D 134 -27.37 -2.60 19.70
CA ALA D 134 -27.80 -2.06 18.44
C ALA D 134 -26.96 -0.85 18.06
N SER D 135 -26.18 -1.01 17.00
CA SER D 135 -25.40 0.09 16.45
C SER D 135 -25.86 0.39 15.04
N VAL D 136 -26.08 1.67 14.78
CA VAL D 136 -26.41 2.13 13.45
C VAL D 136 -25.23 2.91 12.96
N VAL D 137 -24.83 2.61 11.73
CA VAL D 137 -23.59 3.14 11.21
C VAL D 137 -23.84 3.93 9.94
N CYS D 138 -23.15 5.06 9.86
CA CYS D 138 -23.26 5.94 8.70
C CYS D 138 -21.88 6.31 8.16
N PHE D 139 -21.70 6.21 6.86
CA PHE D 139 -20.42 6.52 6.24
C PHE D 139 -20.45 7.73 5.35
N LEU D 140 -19.60 8.71 5.66
CA LEU D 140 -19.42 9.88 4.83
C LEU D 140 -18.06 9.78 4.17
N ASN D 141 -18.01 9.31 2.93
CA ASN D 141 -16.77 8.93 2.29
C ASN D 141 -16.32 9.85 1.14
N ASN D 142 -15.01 10.04 1.06
CA ASN D 142 -14.36 10.76 -0.02
C ASN D 142 -14.93 12.16 -0.24
N PHE D 143 -14.66 13.04 0.72
CA PHE D 143 -15.14 14.40 0.68
C PHE D 143 -14.01 15.43 0.92
N TYR D 144 -14.19 16.67 0.45
CA TYR D 144 -13.13 17.72 0.65
C TYR D 144 -13.68 19.14 0.81
N PRO D 145 -12.87 20.01 1.47
CA PRO D 145 -12.88 20.48 2.82
C PRO D 145 -13.16 19.38 3.82
N LYS D 146 -12.21 19.18 4.72
CA LYS D 146 -12.34 18.29 5.87
C LYS D 146 -13.59 18.61 6.66
N ASP D 147 -13.91 19.89 6.74
CA ASP D 147 -15.13 20.42 7.38
C ASP D 147 -16.47 19.76 6.99
N ILE D 148 -17.21 19.27 7.99
CA ILE D 148 -18.51 18.60 7.75
C ILE D 148 -19.48 18.76 8.94
N ASN D 149 -20.72 18.33 8.76
CA ASN D 149 -21.63 18.19 9.89
C ASN D 149 -22.57 16.98 9.73
N VAL D 150 -22.69 16.21 10.79
CA VAL D 150 -23.44 14.96 10.79
C VAL D 150 -24.49 14.98 11.85
N LYS D 151 -25.75 14.93 11.42
CA LYS D 151 -26.88 14.88 12.32
C LYS D 151 -27.45 13.47 12.34
N TRP D 152 -27.71 12.96 13.54
CA TRP D 152 -28.35 11.67 13.74
C TRP D 152 -29.75 11.94 14.26
N LYS D 153 -30.76 11.70 13.44
CA LYS D 153 -32.16 11.87 13.85
C LYS D 153 -32.92 10.54 14.08
N ILE D 154 -33.63 10.44 15.18
CA ILE D 154 -34.48 9.25 15.48
C ILE D 154 -35.95 9.61 15.55
N ASP D 155 -36.72 9.01 14.65
CA ASP D 155 -38.11 9.37 14.44
C ASP D 155 -38.29 10.87 14.30
N GLY D 156 -37.35 11.50 13.57
CA GLY D 156 -37.37 12.93 13.29
C GLY D 156 -36.69 13.83 14.32
N SER D 157 -36.34 13.27 15.47
CA SER D 157 -35.76 14.02 16.59
C SER D 157 -34.24 13.83 16.62
N GLU D 158 -33.52 14.93 16.65
CA GLU D 158 -32.07 14.85 16.71
C GLU D 158 -31.69 14.14 17.96
N ARG D 159 -30.74 13.23 17.81
CA ARG D 159 -30.14 12.62 18.95
C ARG D 159 -28.63 12.65 18.83
N GLN D 160 -27.98 12.64 19.99
CA GLN D 160 -26.56 12.92 20.11
C GLN D 160 -25.83 12.08 21.20
N ASN D 161 -26.54 11.61 22.23
CA ASN D 161 -25.99 10.53 23.13
C ASN D 161 -25.82 9.18 22.44
N GLY D 162 -24.69 8.54 22.69
CA GLY D 162 -24.32 7.28 22.06
C GLY D 162 -23.75 7.37 20.67
N VAL D 163 -23.32 8.56 20.24
CA VAL D 163 -22.79 8.75 18.87
C VAL D 163 -21.26 8.84 18.80
N LEU D 164 -20.61 8.00 18.00
CA LEU D 164 -19.14 7.99 17.94
C LEU D 164 -18.60 8.15 16.53
N ASN D 165 -17.78 9.19 16.37
CA ASN D 165 -17.28 9.59 15.06
C ASN D 165 -15.79 9.38 14.93
N SER D 166 -15.36 9.01 13.73
CA SER D 166 -13.95 8.71 13.46
C SER D 166 -13.59 9.31 12.12
N TRP D 167 -12.42 9.94 12.02
CA TRP D 167 -11.97 10.57 10.77
C TRP D 167 -10.78 9.82 10.29
N THR D 168 -10.75 9.52 9.02
CA THR D 168 -9.54 8.99 8.44
C THR D 168 -8.52 10.12 8.09
N ASP D 169 -7.26 9.68 7.96
CA ASP D 169 -6.20 10.51 7.49
C ASP D 169 -6.48 10.79 6.03
N GLN D 170 -6.05 11.95 5.57
CA GLN D 170 -6.18 12.34 4.19
C GLN D 170 -5.71 11.22 3.29
N ASP D 171 -6.47 10.98 2.24
CA ASP D 171 -6.20 9.88 1.34
C ASP D 171 -5.00 10.11 0.42
N SER D 172 -4.08 9.16 0.40
CA SER D 172 -2.90 9.23 -0.46
C SER D 172 -3.27 9.24 -1.94
N LYS D 173 -4.18 8.36 -2.36
CA LYS D 173 -4.55 8.26 -3.78
C LYS D 173 -5.31 9.48 -4.33
N ASP D 174 -6.30 10.00 -3.57
CA ASP D 174 -7.14 11.11 -4.05
C ASP D 174 -7.24 12.38 -3.16
N SER D 175 -6.57 12.40 -2.02
CA SER D 175 -6.48 13.59 -1.15
C SER D 175 -7.79 13.99 -0.50
N THR D 176 -8.71 13.04 -0.45
CA THR D 176 -9.98 13.33 0.15
C THR D 176 -9.93 12.87 1.56
N TYR D 177 -10.94 13.27 2.32
CA TYR D 177 -11.16 12.77 3.67
C TYR D 177 -12.37 11.81 3.72
N SER D 178 -12.53 11.11 4.84
CA SER D 178 -13.68 10.24 5.09
C SER D 178 -14.01 10.19 6.58
N MET D 179 -15.29 10.03 6.89
CA MET D 179 -15.69 9.90 8.29
C MET D 179 -16.80 8.88 8.54
N SER D 180 -16.74 8.23 9.70
CA SER D 180 -17.81 7.35 10.14
C SER D 180 -18.36 7.87 11.43
N SER D 181 -19.68 7.76 11.55
CA SER D 181 -20.44 8.11 12.72
C SER D 181 -21.29 6.89 13.08
N THR D 182 -21.25 6.46 14.33
CA THR D 182 -21.98 5.28 14.73
C THR D 182 -22.84 5.58 15.96
N LEU D 183 -24.14 5.41 15.82
CA LEU D 183 -25.04 5.54 16.95
C LEU D 183 -25.25 4.15 17.58
N THR D 184 -24.96 4.03 18.87
CA THR D 184 -25.13 2.80 19.61
C THR D 184 -26.19 2.99 20.68
N LEU D 185 -27.04 1.98 20.82
CA LEU D 185 -28.01 1.93 21.91
C LEU D 185 -28.37 0.46 22.15
N THR D 186 -29.16 0.20 23.18
CA THR D 186 -29.57 -1.16 23.46
C THR D 186 -30.62 -1.61 22.43
N LYS D 187 -30.86 -2.91 22.39
CA LYS D 187 -31.86 -3.50 21.52
C LYS D 187 -33.28 -2.98 21.78
N ASP D 188 -33.73 -3.05 23.05
CA ASP D 188 -35.00 -2.42 23.49
C ASP D 188 -35.18 -0.95 23.02
N GLU D 189 -34.13 -0.14 23.15
CA GLU D 189 -34.21 1.26 22.74
C GLU D 189 -34.43 1.31 21.24
N TYR D 190 -33.64 0.51 20.53
CA TYR D 190 -33.73 0.38 19.09
C TYR D 190 -35.13 0.03 18.64
N GLU D 191 -35.80 -0.86 19.41
CA GLU D 191 -37.13 -1.39 19.06
C GLU D 191 -38.31 -0.46 19.37
N ARG D 192 -38.07 0.60 20.16
CA ARG D 192 -39.06 1.68 20.38
C ARG D 192 -39.19 2.74 19.27
N HIS D 193 -38.40 2.65 18.21
CA HIS D 193 -38.43 3.68 17.19
C HIS D 193 -38.48 3.06 15.81
N ASN D 194 -39.06 3.79 14.88
CA ASN D 194 -39.14 3.35 13.49
C ASN D 194 -37.99 3.89 12.60
N SER D 195 -37.88 5.21 12.48
CA SER D 195 -36.98 5.83 11.49
C SER D 195 -35.64 6.29 12.07
N TYR D 196 -34.56 5.81 11.46
CA TYR D 196 -33.20 6.20 11.84
C TYR D 196 -32.58 6.98 10.68
N THR D 197 -32.14 8.21 10.93
CA THR D 197 -31.67 9.08 9.85
C THR D 197 -30.31 9.72 10.08
N CYS D 198 -29.44 9.51 9.11
CA CYS D 198 -28.11 10.12 9.06
C CYS D 198 -28.12 11.27 8.03
N GLU D 199 -27.91 12.50 8.50
CA GLU D 199 -27.86 13.72 7.65
C GLU D 199 -26.48 14.32 7.64
N ALA D 200 -26.01 14.63 6.43
CA ALA D 200 -24.70 15.20 6.26
C ALA D 200 -24.79 16.56 5.57
N THR D 201 -24.09 17.55 6.12
CA THR D 201 -24.01 18.86 5.52
C THR D 201 -22.57 19.19 5.21
N HIS D 202 -22.34 19.70 4.01
CA HIS D 202 -21.01 19.91 3.51
C HIS D 202 -21.09 21.15 2.68
N LYS D 203 -19.98 21.86 2.53
CA LYS D 203 -20.08 23.19 1.91
C LYS D 203 -20.46 23.12 0.43
N THR D 204 -20.32 21.95 -0.19
CA THR D 204 -20.56 21.81 -1.63
C THR D 204 -22.05 21.84 -2.00
N SER D 205 -22.93 21.63 -1.02
CA SER D 205 -24.37 21.73 -1.26
C SER D 205 -25.05 22.40 -0.09
N THR D 206 -26.14 23.11 -0.37
CA THR D 206 -26.96 23.71 0.66
C THR D 206 -27.97 22.68 1.20
N SER D 207 -28.42 21.76 0.33
CA SER D 207 -29.27 20.65 0.73
C SER D 207 -28.43 19.60 1.47
N PRO D 208 -28.85 19.25 2.71
CA PRO D 208 -28.24 18.10 3.37
C PRO D 208 -28.36 16.82 2.54
N ILE D 209 -27.36 15.95 2.68
CA ILE D 209 -27.46 14.62 2.16
C ILE D 209 -28.05 13.79 3.27
N VAL D 210 -29.18 13.16 2.98
CA VAL D 210 -30.02 12.53 3.98
C VAL D 210 -30.18 11.07 3.65
N LYS D 211 -29.78 10.21 4.56
CA LYS D 211 -29.85 8.78 4.30
C LYS D 211 -30.57 8.10 5.47
N SER D 212 -31.61 7.34 5.19
CA SER D 212 -32.35 6.71 6.28
C SER D 212 -32.88 5.33 5.98
N PHE D 213 -33.33 4.66 7.02
CA PHE D 213 -34.10 3.43 6.85
C PHE D 213 -35.17 3.38 7.92
N ASN D 214 -36.22 2.63 7.64
CA ASN D 214 -37.23 2.33 8.62
C ASN D 214 -36.96 0.94 9.17
N ARG D 215 -37.05 0.81 10.49
CA ARG D 215 -36.90 -0.47 11.15
C ARG D 215 -38.02 -1.42 10.80
N ASN D 216 -39.16 -0.86 10.40
CA ASN D 216 -40.27 -1.70 9.98
C ASN D 216 -40.00 -2.17 8.54
N GLU D 217 -39.96 -1.22 7.61
CA GLU D 217 -39.58 -1.51 6.21
C GLU D 217 -38.26 -2.33 6.16
N CYS D 218 -38.38 -3.66 6.14
CA CYS D 218 -37.25 -4.58 6.00
C CYS D 218 -36.08 -4.22 6.93
#